data_7RTR
#
_entry.id   7RTR
#
_cell.length_a   225.356
_cell.length_b   49.622
_cell.length_c   91.725
_cell.angle_alpha   90.000
_cell.angle_beta   91.830
_cell.angle_gamma   90.000
#
_symmetry.space_group_name_H-M   'C 1 2 1'
#
loop_
_entity.id
_entity.type
_entity.pdbx_description
1 polymer 'HLA class I antigen'
2 polymer Beta-2-microglobulin
3 polymer 'Spike protein S1'
4 polymer 'YLQ-SG3 TCR alpha chain (TRAV12-2)'
5 polymer 'YLQ-SG3 TCR beta chain (TRBV7-9)'
6 non-polymer 'SODIUM ION'
7 water water
#
loop_
_entity_poly.entity_id
_entity_poly.type
_entity_poly.pdbx_seq_one_letter_code
_entity_poly.pdbx_strand_id
1 'polypeptide(L)'
;MAVMAPRTLVLLLSGALALTQTWAGSHSMRYFFTSVSRPGRGEPRFIAVGYVDDTQFVRFDSDAASQRMEPRAPWIEQEG
PEYWDGETRKVKAHSQTHRVDLGTLRGYYNQSEAGSHTVQRMYGCDVGSDWRFLRGYHQYAYDGKDYIALKEDLRSWTAA
DMAAQTTKHKWEAAHVAEQLRAYLEGTCVEWLRRYLENGKETLQRTDAPKTHMTHHAVSDHEATLRCWALSFYPAEITLT
WQRDGEDQTQDTELVETRPAGDGTFQKWAAVVVPSGQEQRYTCHVQHEGLPKPLTLRWEPSSQPTIPIVGIIAGLVLFGA
VITGAVVAAVMWRRKSSDRKGGSYSQAASSDSAQGSDVSLTACKV
;
A
2 'polypeptide(L)'
;MIQRTPKIQVYSRHPAENGKSNFLNCYVSGFHPSDIEVDLLKNGERIEKVEHSDLSFSKDWSFYLLYYTEFTPTEKDEYA
CRVNHVTLSQPKIVKWDRDM
;
B
3 'polypeptide(L)' YLQPRTFLL C
4 'polypeptide(L)'
;QKEVEQNSGPLSVPEGAIASLNCTYSDRGSQSFFWYRQYSGKSPELIMFIYSNGDKEDGRFTAQLNKASQYVSLLIRDSQ
PSDSATYLCAVNRDDKIIFGKGTRLHILPNIQNPDPAVYQLRDSKSSDKSVCLFTDFDSQTNVSQSKDSDVYITDKCVLD
MRSMDFKSNSAVAWSNKSDFACANAFNNSIIPEDTFFPSPESS
;
D
5 'polypeptide(L)'
;DTGVSQNPRHKITKRGQNVTFRCDPISEHNRLYWYRQTLGQGPEFLTYFQNEAQLEKSRLLSDRFSAERPKGSFSTLEIQ
RTEQGDSAMYLCASSPDIEQYFGPGTRLTVTEDLKNVFPPEVAVFEPSEAEISHTQKATLVCLATGFYPDHVELSWWVNG
KEVHSGVCTDPQPLKEQPALNDSRYALSSRLRVSATFWQNPRNHFRCQVQFYGLSENDEWTQDRAKPVTQIVSAEAWGRA
D
;
E
#
# COMPACT_ATOMS: atom_id res chain seq x y z
N GLY A 25 -17.83 -2.27 31.36
CA GLY A 25 -17.45 -3.64 31.02
C GLY A 25 -16.68 -3.76 29.71
N SER A 26 -16.66 -4.97 29.11
CA SER A 26 -15.94 -5.18 27.86
C SER A 26 -16.69 -4.61 26.63
N HIS A 27 -15.93 -4.04 25.69
CA HIS A 27 -16.48 -3.44 24.48
C HIS A 27 -15.94 -4.07 23.20
N SER A 28 -16.56 -3.75 22.05
CA SER A 28 -16.13 -4.25 20.76
C SER A 28 -16.45 -3.32 19.60
N MET A 29 -15.66 -3.40 18.55
CA MET A 29 -15.89 -2.70 17.29
C MET A 29 -15.87 -3.79 16.22
N ARG A 30 -16.94 -3.88 15.42
CA ARG A 30 -17.07 -4.89 14.38
CA ARG A 30 -17.03 -4.89 14.37
C ARG A 30 -17.54 -4.24 13.08
N TYR A 31 -17.07 -4.77 11.94
CA TYR A 31 -17.44 -4.34 10.60
C TYR A 31 -17.94 -5.54 9.85
N PHE A 32 -19.13 -5.42 9.29
CA PHE A 32 -19.85 -6.49 8.59
C PHE A 32 -20.02 -6.05 7.16
N PHE A 33 -19.59 -6.88 6.20
CA PHE A 33 -19.67 -6.59 4.77
C PHE A 33 -20.37 -7.67 4.03
N THR A 34 -21.26 -7.32 3.13
CA THR A 34 -21.99 -8.29 2.28
C THR A 34 -21.85 -7.85 0.82
N SER A 35 -21.46 -8.80 -0.05
CA SER A 35 -21.33 -8.59 -1.49
C SER A 35 -22.10 -9.67 -2.21
N VAL A 36 -23.07 -9.27 -3.03
CA VAL A 36 -23.96 -10.21 -3.71
C VAL A 36 -23.95 -9.95 -5.20
N SER A 37 -23.46 -10.90 -6.01
CA SER A 37 -23.48 -10.71 -7.46
C SER A 37 -24.92 -10.78 -8.01
N ARG A 38 -25.19 -10.03 -9.09
CA ARG A 38 -26.50 -9.97 -9.76
C ARG A 38 -26.20 -10.09 -11.29
N PRO A 39 -25.82 -11.30 -11.78
N PRO A 39 -25.82 -11.30 -11.78
CA PRO A 39 -25.43 -11.45 -13.21
CA PRO A 39 -25.43 -11.45 -13.21
C PRO A 39 -26.33 -10.81 -14.27
C PRO A 39 -26.33 -10.81 -14.27
N GLY A 40 -27.65 -10.92 -14.10
CA GLY A 40 -28.57 -10.31 -15.05
C GLY A 40 -28.69 -8.81 -14.84
N ARG A 41 -29.19 -8.45 -13.65
CA ARG A 41 -29.51 -7.17 -13.09
C ARG A 41 -28.40 -6.10 -13.13
N GLY A 42 -27.16 -6.43 -12.73
CA GLY A 42 -26.06 -5.46 -12.72
C GLY A 42 -24.83 -5.76 -11.87
N GLU A 43 -24.19 -4.69 -11.37
CA GLU A 43 -23.01 -4.74 -10.52
C GLU A 43 -23.36 -5.37 -9.16
N PRO A 44 -22.38 -5.99 -8.45
CA PRO A 44 -22.71 -6.59 -7.15
C PRO A 44 -23.16 -5.57 -6.09
N ARG A 45 -24.05 -6.02 -5.26
CA ARG A 45 -24.54 -5.19 -4.18
C ARG A 45 -23.49 -5.23 -3.11
N PHE A 46 -23.20 -4.10 -2.50
CA PHE A 46 -22.24 -4.08 -1.42
C PHE A 46 -22.83 -3.29 -0.29
N ILE A 47 -23.03 -3.95 0.86
CA ILE A 47 -23.48 -3.31 2.12
C ILE A 47 -22.36 -3.49 3.14
N ALA A 48 -21.98 -2.43 3.82
CA ALA A 48 -20.98 -2.43 4.88
C ALA A 48 -21.63 -1.75 6.06
N VAL A 49 -21.57 -2.36 7.24
CA VAL A 49 -22.11 -1.77 8.47
C VAL A 49 -21.07 -1.86 9.57
N GLY A 50 -21.00 -0.81 10.36
CA GLY A 50 -20.08 -0.71 11.47
C GLY A 50 -20.83 -0.55 12.76
N TYR A 51 -20.41 -1.35 13.75
CA TYR A 51 -20.96 -1.34 15.10
C TYR A 51 -19.87 -1.14 16.14
N VAL A 52 -20.25 -0.46 17.23
CA VAL A 52 -19.53 -0.37 18.49
C VAL A 52 -20.53 -1.02 19.45
N ASP A 53 -20.16 -2.17 20.03
CA ASP A 53 -21.03 -2.97 20.90
C ASP A 53 -22.29 -3.36 20.16
N ASP A 54 -23.48 -3.06 20.73
CA ASP A 54 -24.78 -3.33 20.11
C ASP A 54 -25.36 -2.08 19.43
N THR A 55 -24.52 -1.07 19.13
CA THR A 55 -24.94 0.18 18.49
C THR A 55 -24.31 0.37 17.09
N GLN A 56 -25.13 0.52 16.05
CA GLN A 56 -24.64 0.76 14.70
C GLN A 56 -24.21 2.23 14.64
N PHE A 57 -23.12 2.52 13.90
CA PHE A 57 -22.65 3.91 13.83
C PHE A 57 -22.34 4.37 12.42
N VAL A 58 -22.11 3.43 11.48
CA VAL A 58 -21.80 3.72 10.06
C VAL A 58 -22.44 2.71 9.15
N ARG A 59 -22.79 3.13 7.92
CA ARG A 59 -23.28 2.23 6.89
C ARG A 59 -22.79 2.66 5.52
N PHE A 60 -22.76 1.74 4.56
CA PHE A 60 -22.48 2.01 3.15
C PHE A 60 -23.29 1.04 2.32
N ASP A 61 -24.12 1.58 1.45
CA ASP A 61 -24.88 0.74 0.56
C ASP A 61 -24.54 1.21 -0.83
N SER A 62 -23.90 0.35 -1.64
CA SER A 62 -23.51 0.67 -3.00
C SER A 62 -24.67 1.12 -3.90
N ASP A 63 -25.92 0.83 -3.48
CA ASP A 63 -27.19 1.13 -4.17
C ASP A 63 -27.81 2.45 -3.69
N ALA A 64 -27.28 3.03 -2.62
CA ALA A 64 -27.83 4.28 -2.14
C ALA A 64 -27.26 5.46 -3.00
N ALA A 65 -27.93 6.61 -3.02
CA ALA A 65 -27.53 7.76 -3.84
C ALA A 65 -26.22 8.43 -3.43
N SER A 66 -25.94 8.57 -2.13
CA SER A 66 -24.77 9.31 -1.66
C SER A 66 -23.43 8.81 -2.21
N GLN A 67 -23.22 7.48 -2.25
CA GLN A 67 -21.97 6.83 -2.61
C GLN A 67 -20.90 7.27 -1.61
N ARG A 68 -21.37 7.63 -0.42
CA ARG A 68 -20.59 8.09 0.73
C ARG A 68 -20.81 7.13 1.89
N MET A 69 -19.90 7.13 2.87
CA MET A 69 -20.05 6.38 4.11
C MET A 69 -20.91 7.31 4.97
N GLU A 70 -21.97 6.79 5.53
CA GLU A 70 -22.95 7.58 6.27
C GLU A 70 -22.96 7.38 7.79
N PRO A 71 -23.17 8.46 8.58
CA PRO A 71 -23.32 8.30 10.04
C PRO A 71 -24.67 7.68 10.36
N ARG A 72 -24.75 6.91 11.46
CA ARG A 72 -25.99 6.29 11.94
C ARG A 72 -26.17 6.45 13.47
N ALA A 73 -25.18 7.06 14.13
CA ALA A 73 -25.14 7.33 15.55
C ALA A 73 -24.75 8.82 15.70
N PRO A 74 -25.41 9.58 16.62
CA PRO A 74 -25.09 11.02 16.76
C PRO A 74 -23.63 11.37 17.07
N TRP A 75 -22.95 10.51 17.85
CA TRP A 75 -21.57 10.73 18.29
C TRP A 75 -20.53 10.63 17.16
N ILE A 76 -20.89 10.01 16.02
CA ILE A 76 -19.93 9.90 14.94
C ILE A 76 -20.06 11.10 13.96
N GLU A 77 -21.16 11.87 14.05
CA GLU A 77 -21.39 13.07 13.23
C GLU A 77 -20.43 14.21 13.57
N GLN A 78 -19.72 14.12 14.74
CA GLN A 78 -18.70 15.06 15.24
C GLN A 78 -17.44 15.02 14.36
N GLU A 79 -17.18 13.86 13.73
CA GLU A 79 -16.00 13.63 12.88
C GLU A 79 -16.02 14.57 11.70
N GLY A 80 -14.84 15.07 11.35
CA GLY A 80 -14.63 16.02 10.28
C GLY A 80 -14.64 15.43 8.89
N PRO A 81 -14.56 16.30 7.85
CA PRO A 81 -14.58 15.82 6.46
C PRO A 81 -13.43 14.89 6.04
N GLU A 82 -12.32 14.92 6.80
CA GLU A 82 -11.15 14.09 6.57
CA GLU A 82 -11.13 14.08 6.59
C GLU A 82 -11.49 12.63 6.94
N TYR A 83 -12.20 12.42 8.08
CA TYR A 83 -12.62 11.10 8.57
C TYR A 83 -13.54 10.45 7.51
N TRP A 84 -14.57 11.19 7.10
CA TRP A 84 -15.61 10.84 6.15
C TRP A 84 -15.08 10.57 4.76
N ASP A 85 -14.13 11.37 4.26
CA ASP A 85 -13.55 11.14 2.94
C ASP A 85 -12.74 9.87 2.97
N GLY A 86 -11.95 9.70 4.03
CA GLY A 86 -11.11 8.53 4.27
C GLY A 86 -11.91 7.25 4.45
N GLU A 87 -13.02 7.33 5.20
CA GLU A 87 -13.94 6.20 5.43
C GLU A 87 -14.65 5.83 4.17
N THR A 88 -15.00 6.82 3.34
CA THR A 88 -15.62 6.66 2.02
C THR A 88 -14.63 5.92 1.05
N ARG A 89 -13.43 6.47 0.90
CA ARG A 89 -12.35 5.98 0.07
CA ARG A 89 -12.35 5.97 0.06
C ARG A 89 -12.11 4.52 0.38
N LYS A 90 -11.99 4.19 1.67
CA LYS A 90 -11.75 2.84 2.14
C LYS A 90 -12.89 1.86 1.83
N VAL A 91 -14.14 2.27 2.08
CA VAL A 91 -15.30 1.42 1.88
C VAL A 91 -15.46 1.09 0.39
N LYS A 92 -15.24 2.07 -0.50
CA LYS A 92 -15.22 1.91 -1.96
C LYS A 92 -14.12 0.92 -2.34
N ALA A 93 -12.94 0.96 -1.69
CA ALA A 93 -11.82 0.04 -1.95
C ALA A 93 -12.18 -1.40 -1.50
N HIS A 94 -12.81 -1.55 -0.30
CA HIS A 94 -13.31 -2.83 0.20
C HIS A 94 -14.32 -3.41 -0.81
N SER A 95 -15.13 -2.55 -1.41
CA SER A 95 -16.16 -2.89 -2.38
C SER A 95 -15.54 -3.43 -3.63
N GLN A 96 -14.47 -2.79 -4.10
CA GLN A 96 -13.78 -3.16 -5.32
C GLN A 96 -13.10 -4.50 -5.14
N THR A 97 -12.49 -4.73 -3.99
CA THR A 97 -11.78 -5.94 -3.63
C THR A 97 -12.75 -7.11 -3.59
N HIS A 98 -13.94 -6.92 -2.98
CA HIS A 98 -14.97 -7.95 -2.88
C HIS A 98 -15.61 -8.31 -4.21
N ARG A 99 -15.58 -7.40 -5.20
CA ARG A 99 -16.06 -7.58 -6.59
C ARG A 99 -15.14 -8.60 -7.21
N VAL A 100 -13.82 -8.36 -7.08
CA VAL A 100 -12.75 -9.21 -7.55
C VAL A 100 -12.83 -10.55 -6.82
N ASP A 101 -13.14 -10.53 -5.48
CA ASP A 101 -13.31 -11.76 -4.68
C ASP A 101 -14.36 -12.67 -5.27
N LEU A 102 -15.52 -12.06 -5.69
CA LEU A 102 -16.65 -12.76 -6.29
C LEU A 102 -16.21 -13.48 -7.56
N GLY A 103 -15.46 -12.82 -8.41
CA GLY A 103 -14.97 -13.46 -9.62
C GLY A 103 -13.89 -14.49 -9.33
N THR A 104 -13.15 -14.32 -8.23
CA THR A 104 -12.11 -15.27 -7.86
C THR A 104 -12.75 -16.58 -7.37
N LEU A 105 -13.72 -16.50 -6.44
CA LEU A 105 -14.44 -17.64 -5.91
C LEU A 105 -15.26 -18.40 -6.97
N ARG A 106 -15.83 -17.66 -7.95
CA ARG A 106 -16.52 -18.24 -9.11
C ARG A 106 -15.48 -19.10 -9.89
N GLY A 107 -14.24 -18.60 -9.97
CA GLY A 107 -13.11 -19.28 -10.60
C GLY A 107 -12.71 -20.51 -9.81
N TYR A 108 -12.45 -20.34 -8.48
CA TYR A 108 -12.02 -21.40 -7.57
C TYR A 108 -13.01 -22.59 -7.57
N TYR A 109 -14.34 -22.31 -7.59
CA TYR A 109 -15.38 -23.31 -7.50
C TYR A 109 -16.01 -23.70 -8.82
N ASN A 110 -15.43 -23.30 -9.96
CA ASN A 110 -15.93 -23.59 -11.29
C ASN A 110 -17.46 -23.26 -11.43
N GLN A 111 -17.81 -22.04 -11.05
CA GLN A 111 -19.18 -21.63 -11.13
C GLN A 111 -19.44 -20.82 -12.39
N SER A 112 -20.69 -20.87 -12.93
CA SER A 112 -21.00 -20.10 -14.14
C SER A 112 -21.16 -18.64 -13.80
N GLU A 113 -20.98 -17.80 -14.83
CA GLU A 113 -21.10 -16.33 -14.77
C GLU A 113 -22.59 -15.93 -14.63
N ALA A 114 -23.50 -16.92 -14.61
CA ALA A 114 -24.94 -16.74 -14.62
C ALA A 114 -25.65 -16.86 -13.28
N GLY A 115 -24.98 -17.31 -12.23
CA GLY A 115 -25.63 -17.45 -10.94
C GLY A 115 -25.18 -16.42 -9.93
N SER A 116 -26.03 -16.05 -8.98
CA SER A 116 -25.73 -15.10 -7.91
C SER A 116 -25.00 -15.81 -6.80
N HIS A 117 -23.99 -15.14 -6.23
CA HIS A 117 -23.18 -15.63 -5.13
C HIS A 117 -22.97 -14.53 -4.10
N THR A 118 -22.75 -14.92 -2.84
CA THR A 118 -22.60 -14.01 -1.70
C THR A 118 -21.32 -14.24 -0.94
N VAL A 119 -20.53 -13.17 -0.77
CA VAL A 119 -19.34 -13.19 0.07
C VAL A 119 -19.67 -12.27 1.24
N GLN A 120 -19.44 -12.73 2.47
CA GLN A 120 -19.63 -11.93 3.66
C GLN A 120 -18.29 -11.93 4.34
N ARG A 121 -17.93 -10.80 4.90
CA ARG A 121 -16.69 -10.63 5.62
C ARG A 121 -17.05 -9.94 6.94
N MET A 122 -16.31 -10.25 7.98
CA MET A 122 -16.47 -9.68 9.30
C MET A 122 -15.07 -9.48 9.90
N TYR A 123 -14.83 -8.32 10.52
CA TYR A 123 -13.58 -8.07 11.23
C TYR A 123 -13.81 -7.10 12.34
N GLY A 124 -12.93 -7.15 13.34
CA GLY A 124 -13.01 -6.27 14.50
C GLY A 124 -12.21 -6.73 15.70
N CYS A 125 -12.26 -5.91 16.75
CA CYS A 125 -11.52 -6.13 17.99
C CYS A 125 -12.42 -6.02 19.22
N ASP A 126 -12.01 -6.72 20.30
CA ASP A 126 -12.65 -6.64 21.61
C ASP A 126 -11.63 -6.08 22.57
N VAL A 127 -12.11 -5.23 23.50
CA VAL A 127 -11.32 -4.67 24.60
C VAL A 127 -11.94 -5.13 25.91
N GLY A 128 -11.19 -5.05 27.00
CA GLY A 128 -11.67 -5.41 28.32
C GLY A 128 -12.22 -4.20 29.04
N SER A 129 -12.40 -4.32 30.37
CA SER A 129 -12.85 -3.21 31.23
C SER A 129 -11.73 -2.15 31.34
N ASP A 130 -10.46 -2.60 31.20
CA ASP A 130 -9.22 -1.79 31.19
C ASP A 130 -9.01 -1.01 29.87
N TRP A 131 -9.82 -1.34 28.81
CA TRP A 131 -9.77 -0.81 27.42
C TRP A 131 -8.49 -1.29 26.68
N ARG A 132 -7.99 -2.46 27.09
CA ARG A 132 -6.83 -3.09 26.49
C ARG A 132 -7.33 -4.18 25.54
N PHE A 133 -6.60 -4.41 24.42
CA PHE A 133 -6.93 -5.44 23.46
C PHE A 133 -7.20 -6.78 24.17
N LEU A 134 -8.23 -7.51 23.72
CA LEU A 134 -8.64 -8.81 24.27
C LEU A 134 -8.68 -9.92 23.18
N ARG A 135 -9.44 -9.69 22.11
CA ARG A 135 -9.67 -10.62 21.01
C ARG A 135 -9.73 -9.85 19.70
N GLY A 136 -9.29 -10.52 18.64
CA GLY A 136 -9.32 -10.04 17.27
C GLY A 136 -9.98 -11.09 16.40
N TYR A 137 -10.70 -10.64 15.36
CA TYR A 137 -11.34 -11.55 14.41
CA TYR A 137 -11.43 -11.52 14.42
C TYR A 137 -11.35 -10.94 13.01
N HIS A 138 -11.25 -11.81 12.01
CA HIS A 138 -11.19 -11.44 10.60
C HIS A 138 -11.50 -12.70 9.82
N GLN A 139 -12.75 -12.84 9.43
CA GLN A 139 -13.26 -14.02 8.76
C GLN A 139 -14.21 -13.74 7.60
N TYR A 140 -14.33 -14.74 6.71
CA TYR A 140 -15.07 -14.75 5.48
C TYR A 140 -15.98 -15.99 5.35
N ALA A 141 -17.12 -15.79 4.65
CA ALA A 141 -18.05 -16.86 4.27
C ALA A 141 -18.38 -16.70 2.80
N TYR A 142 -18.68 -17.79 2.16
CA TYR A 142 -19.05 -17.82 0.77
C TYR A 142 -20.34 -18.62 0.61
N ASP A 143 -21.38 -17.99 0.07
CA ASP A 143 -22.67 -18.67 -0.13
C ASP A 143 -23.21 -19.29 1.18
N GLY A 144 -22.90 -18.65 2.29
CA GLY A 144 -23.39 -19.06 3.60
C GLY A 144 -22.56 -20.05 4.35
N LYS A 145 -21.42 -20.49 3.77
CA LYS A 145 -20.50 -21.46 4.38
C LYS A 145 -19.22 -20.77 4.75
N ASP A 146 -18.56 -21.18 5.86
CA ASP A 146 -17.26 -20.64 6.21
C ASP A 146 -16.31 -20.86 5.03
N TYR A 147 -15.32 -19.97 4.87
CA TYR A 147 -14.34 -20.06 3.81
C TYR A 147 -12.93 -19.92 4.42
N ILE A 148 -12.62 -18.77 5.08
CA ILE A 148 -11.35 -18.51 5.76
C ILE A 148 -11.57 -17.65 7.02
N ALA A 149 -10.74 -17.87 8.05
CA ALA A 149 -10.83 -17.11 9.30
C ALA A 149 -9.49 -16.97 9.92
N LEU A 150 -9.18 -15.77 10.45
CA LEU A 150 -7.94 -15.59 11.16
C LEU A 150 -8.14 -16.30 12.51
N LYS A 151 -7.13 -17.11 12.95
CA LYS A 151 -7.19 -17.80 14.24
C LYS A 151 -6.98 -16.82 15.39
N GLU A 152 -7.36 -17.23 16.63
CA GLU A 152 -7.28 -16.40 17.83
C GLU A 152 -5.88 -15.90 18.13
N ASP A 153 -4.87 -16.66 17.69
CA ASP A 153 -3.47 -16.29 17.86
C ASP A 153 -3.09 -15.14 16.95
N LEU A 154 -4.02 -14.76 16.03
CA LEU A 154 -3.84 -13.70 15.01
C LEU A 154 -2.57 -13.94 14.16
N ARG A 155 -2.17 -15.22 14.03
CA ARG A 155 -0.94 -15.57 13.33
C ARG A 155 -1.15 -16.63 12.28
N SER A 156 -2.30 -17.30 12.33
CA SER A 156 -2.60 -18.42 11.45
C SER A 156 -4.07 -18.45 10.96
N TRP A 157 -4.29 -19.14 9.85
CA TRP A 157 -5.59 -19.23 9.21
C TRP A 157 -6.26 -20.57 9.30
N THR A 158 -7.60 -20.55 9.20
CA THR A 158 -8.48 -21.70 9.11
C THR A 158 -9.25 -21.66 7.75
N ALA A 159 -8.73 -22.37 6.76
CA ALA A 159 -9.39 -22.57 5.47
C ALA A 159 -10.42 -23.70 5.69
N ALA A 160 -11.65 -23.51 5.22
CA ALA A 160 -12.72 -24.47 5.40
C ALA A 160 -12.73 -25.58 4.34
N ASP A 161 -12.01 -25.37 3.21
CA ASP A 161 -11.97 -26.37 2.13
C ASP A 161 -10.70 -26.23 1.33
N MET A 162 -10.48 -27.03 0.27
CA MET A 162 -9.28 -26.98 -0.56
C MET A 162 -9.18 -25.74 -1.46
N ALA A 163 -10.33 -25.09 -1.78
CA ALA A 163 -10.39 -23.82 -2.52
C ALA A 163 -9.90 -22.73 -1.55
N ALA A 164 -10.45 -22.71 -0.31
CA ALA A 164 -10.04 -21.82 0.78
C ALA A 164 -8.56 -21.93 1.15
N GLN A 165 -7.89 -23.06 0.78
CA GLN A 165 -6.45 -23.27 1.04
CA GLN A 165 -6.46 -23.29 1.04
C GLN A 165 -5.60 -22.51 0.04
N THR A 166 -6.15 -22.20 -1.16
CA THR A 166 -5.44 -21.41 -2.18
C THR A 166 -5.32 -19.97 -1.65
N THR A 167 -6.33 -19.50 -0.93
CA THR A 167 -6.30 -18.19 -0.30
C THR A 167 -5.23 -18.23 0.79
N LYS A 168 -5.37 -19.17 1.77
CA LYS A 168 -4.41 -19.38 2.85
C LYS A 168 -2.98 -19.32 2.34
N HIS A 169 -2.64 -20.09 1.27
CA HIS A 169 -1.28 -20.07 0.75
C HIS A 169 -0.86 -18.70 0.28
N LYS A 170 -1.72 -17.99 -0.50
CA LYS A 170 -1.33 -16.65 -0.95
C LYS A 170 -1.25 -15.68 0.22
N TRP A 171 -2.14 -15.80 1.20
CA TRP A 171 -2.07 -14.97 2.41
C TRP A 171 -0.87 -15.31 3.34
N GLU A 172 -0.38 -16.55 3.33
CA GLU A 172 0.81 -16.90 4.10
C GLU A 172 2.05 -16.40 3.36
N ALA A 173 2.09 -16.56 2.03
CA ALA A 173 3.23 -16.09 1.23
C ALA A 173 3.39 -14.57 1.29
N ALA A 174 2.25 -13.83 1.40
CA ALA A 174 2.17 -12.36 1.44
C ALA A 174 2.20 -11.70 2.86
N HIS A 175 2.31 -12.50 3.95
CA HIS A 175 2.41 -12.01 5.33
C HIS A 175 1.24 -11.14 5.75
N VAL A 176 0.04 -11.60 5.44
CA VAL A 176 -1.19 -10.86 5.65
C VAL A 176 -1.57 -10.79 7.13
N ALA A 177 -1.48 -11.94 7.86
CA ALA A 177 -1.79 -12.06 9.28
C ALA A 177 -1.13 -10.96 10.10
N GLU A 178 0.18 -10.70 9.85
CA GLU A 178 1.03 -9.70 10.52
C GLU A 178 0.55 -8.26 10.33
N GLN A 179 0.19 -7.86 9.08
CA GLN A 179 -0.36 -6.52 8.81
C GLN A 179 -1.76 -6.36 9.44
N LEU A 180 -2.60 -7.43 9.37
CA LEU A 180 -3.96 -7.54 9.90
C LEU A 180 -3.95 -7.39 11.41
N ARG A 181 -3.04 -8.13 12.09
CA ARG A 181 -2.78 -8.10 13.54
C ARG A 181 -2.39 -6.69 13.99
N ALA A 182 -1.66 -5.95 13.15
CA ALA A 182 -1.25 -4.58 13.47
C ALA A 182 -2.48 -3.67 13.47
N TYR A 183 -3.44 -3.92 12.56
CA TYR A 183 -4.71 -3.21 12.58
C TYR A 183 -5.60 -3.68 13.77
N LEU A 184 -5.76 -5.01 13.99
CA LEU A 184 -6.62 -5.51 15.07
C LEU A 184 -6.14 -5.15 16.46
N GLU A 185 -4.83 -5.31 16.77
CA GLU A 185 -4.24 -4.99 18.08
C GLU A 185 -4.01 -3.50 18.33
N GLY A 186 -3.69 -2.74 17.29
CA GLY A 186 -3.39 -1.33 17.47
C GLY A 186 -4.45 -0.37 17.01
N THR A 187 -4.48 -0.17 15.71
CA THR A 187 -5.39 0.76 15.03
C THR A 187 -6.82 0.67 15.51
N CYS A 188 -7.40 -0.56 15.49
CA CYS A 188 -8.78 -0.90 15.83
C CYS A 188 -9.10 -0.50 17.30
N VAL A 189 -8.24 -0.93 18.26
CA VAL A 189 -8.35 -0.62 19.70
CA VAL A 189 -8.46 -0.61 19.68
C VAL A 189 -8.30 0.90 19.91
N GLU A 190 -7.39 1.59 19.19
CA GLU A 190 -7.26 3.04 19.32
C GLU A 190 -8.55 3.76 18.92
N TRP A 191 -9.14 3.37 17.82
CA TRP A 191 -10.36 3.99 17.30
C TRP A 191 -11.59 3.62 18.13
N LEU A 192 -11.61 2.37 18.67
CA LEU A 192 -12.69 1.91 19.53
C LEU A 192 -12.70 2.74 20.81
N ARG A 193 -11.52 3.05 21.36
CA ARG A 193 -11.40 3.84 22.59
C ARG A 193 -11.85 5.26 22.34
N ARG A 194 -11.52 5.80 21.18
CA ARG A 194 -11.96 7.12 20.74
C ARG A 194 -13.48 7.13 20.65
N TYR A 195 -14.08 6.13 19.97
CA TYR A 195 -15.54 6.06 19.82
C TYR A 195 -16.23 5.97 21.18
N LEU A 196 -15.73 5.08 22.07
CA LEU A 196 -16.23 4.90 23.43
C LEU A 196 -16.18 6.18 24.24
N GLU A 197 -15.14 7.03 24.06
CA GLU A 197 -15.00 8.33 24.72
C GLU A 197 -15.94 9.35 24.10
N ASN A 198 -15.86 9.60 22.76
CA ASN A 198 -16.71 10.58 22.05
C ASN A 198 -18.20 10.36 22.23
N GLY A 199 -18.62 9.09 22.36
CA GLY A 199 -20.00 8.71 22.58
C GLY A 199 -20.29 8.08 23.92
N LYS A 200 -19.50 8.44 24.96
CA LYS A 200 -19.62 7.91 26.34
C LYS A 200 -21.05 7.98 26.92
N GLU A 201 -21.81 9.03 26.62
CA GLU A 201 -23.14 9.15 27.19
C GLU A 201 -24.15 8.11 26.66
N THR A 202 -23.88 7.50 25.49
CA THR A 202 -24.75 6.44 24.95
C THR A 202 -24.07 5.06 25.02
N LEU A 203 -22.82 4.96 24.58
CA LEU A 203 -22.10 3.69 24.57
C LEU A 203 -21.79 3.13 25.95
N GLN A 204 -21.45 4.01 26.89
CA GLN A 204 -21.08 3.62 28.26
C GLN A 204 -22.25 3.76 29.26
N ARG A 205 -23.45 3.32 28.84
CA ARG A 205 -24.63 3.39 29.67
C ARG A 205 -25.31 2.05 29.74
N THR A 206 -25.67 1.62 30.97
CA THR A 206 -26.42 0.39 31.16
C THR A 206 -27.86 0.79 31.44
N ASP A 207 -28.76 0.35 30.56
CA ASP A 207 -30.19 0.55 30.70
C ASP A 207 -30.70 -0.77 31.26
N ALA A 208 -31.20 -0.71 32.50
CA ALA A 208 -31.71 -1.88 33.21
C ALA A 208 -33.07 -2.27 32.65
N PRO A 209 -33.36 -3.59 32.51
CA PRO A 209 -34.67 -3.99 31.97
C PRO A 209 -35.88 -3.64 32.84
N LYS A 210 -36.97 -3.19 32.18
CA LYS A 210 -38.25 -2.89 32.79
CA LYS A 210 -38.25 -2.89 32.79
C LYS A 210 -39.03 -4.22 32.73
N THR A 211 -38.85 -5.07 33.76
CA THR A 211 -39.51 -6.38 33.80
C THR A 211 -40.95 -6.34 34.31
N HIS A 212 -41.78 -7.30 33.84
CA HIS A 212 -43.17 -7.51 34.23
C HIS A 212 -43.66 -8.93 33.85
N MET A 213 -44.78 -9.38 34.45
CA MET A 213 -45.35 -10.71 34.18
C MET A 213 -46.77 -10.66 33.64
N THR A 214 -47.07 -11.46 32.60
CA THR A 214 -48.45 -11.52 32.09
C THR A 214 -49.06 -12.92 32.25
N HIS A 215 -50.38 -12.95 32.53
CA HIS A 215 -51.15 -14.18 32.70
C HIS A 215 -52.29 -14.32 31.69
N HIS A 216 -52.26 -15.44 30.97
CA HIS A 216 -53.27 -15.82 29.99
C HIS A 216 -53.57 -17.29 30.16
N ALA A 217 -54.86 -17.66 30.07
CA ALA A 217 -55.29 -19.06 30.22
C ALA A 217 -55.49 -19.74 28.87
N VAL A 218 -54.73 -20.82 28.63
CA VAL A 218 -54.81 -21.61 27.39
C VAL A 218 -56.02 -22.52 27.36
N SER A 219 -56.40 -23.04 28.54
CA SER A 219 -57.51 -23.97 28.76
C SER A 219 -58.18 -23.74 30.14
N ASP A 220 -59.21 -24.55 30.46
CA ASP A 220 -59.93 -24.53 31.73
C ASP A 220 -59.17 -25.34 32.82
N HIS A 221 -58.04 -25.98 32.46
CA HIS A 221 -57.19 -26.80 33.33
C HIS A 221 -55.68 -26.42 33.24
N GLU A 222 -55.30 -25.57 32.27
CA GLU A 222 -53.93 -25.09 32.06
C GLU A 222 -53.85 -23.56 31.89
N ALA A 223 -52.67 -22.97 32.20
CA ALA A 223 -52.42 -21.52 32.08
C ALA A 223 -51.01 -21.26 31.51
N THR A 224 -50.77 -20.03 31.01
CA THR A 224 -49.48 -19.62 30.44
C THR A 224 -48.99 -18.32 31.13
N LEU A 225 -47.71 -18.37 31.56
CA LEU A 225 -47.03 -17.25 32.20
C LEU A 225 -45.94 -16.71 31.30
N ARG A 226 -45.88 -15.37 31.13
CA ARG A 226 -44.89 -14.68 30.30
C ARG A 226 -44.10 -13.61 31.06
N CYS A 227 -42.79 -13.87 31.20
CA CYS A 227 -41.79 -13.03 31.84
C CYS A 227 -41.24 -12.08 30.74
N TRP A 228 -41.44 -10.77 30.92
CA TRP A 228 -41.02 -9.75 29.98
C TRP A 228 -39.81 -8.94 30.47
N ALA A 229 -38.77 -8.76 29.60
CA ALA A 229 -37.58 -7.92 29.84
C ALA A 229 -37.59 -6.85 28.75
N LEU A 230 -37.93 -5.60 29.11
CA LEU A 230 -38.02 -4.54 28.08
C LEU A 230 -37.10 -3.35 28.34
N SER A 231 -36.82 -2.57 27.25
CA SER A 231 -36.01 -1.34 27.25
CA SER A 231 -36.02 -1.35 27.24
C SER A 231 -34.66 -1.50 27.93
N PHE A 232 -33.92 -2.58 27.61
CA PHE A 232 -32.59 -2.83 28.18
C PHE A 232 -31.46 -2.60 27.17
N TYR A 233 -30.25 -2.30 27.67
CA TYR A 233 -29.01 -2.10 26.91
C TYR A 233 -27.83 -2.40 27.83
N PRO A 234 -26.83 -3.23 27.45
CA PRO A 234 -26.65 -3.96 26.16
C PRO A 234 -27.57 -5.17 25.99
N ALA A 235 -27.56 -5.76 24.79
CA ALA A 235 -28.41 -6.87 24.39
C ALA A 235 -28.24 -8.17 25.21
N GLU A 236 -27.08 -8.38 25.87
CA GLU A 236 -26.84 -9.61 26.65
C GLU A 236 -27.76 -9.66 27.87
N ILE A 237 -28.54 -10.75 27.97
CA ILE A 237 -29.54 -10.97 29.01
C ILE A 237 -29.76 -12.47 29.15
N THR A 238 -30.16 -12.88 30.36
CA THR A 238 -30.49 -14.26 30.71
C THR A 238 -31.79 -14.26 31.53
N LEU A 239 -32.84 -14.90 30.96
CA LEU A 239 -34.15 -15.09 31.57
C LEU A 239 -34.27 -16.60 31.79
N THR A 240 -34.55 -17.01 33.03
CA THR A 240 -34.66 -18.42 33.41
C THR A 240 -35.88 -18.62 34.27
N TRP A 241 -36.56 -19.75 34.07
CA TRP A 241 -37.72 -20.12 34.88
C TRP A 241 -37.30 -21.09 36.00
N GLN A 242 -37.40 -20.64 37.26
CA GLN A 242 -37.04 -21.46 38.43
C GLN A 242 -38.21 -22.38 38.83
N ASP A 247 -33.75 -25.56 38.60
CA ASP A 247 -34.22 -24.61 37.59
C ASP A 247 -34.86 -25.35 36.41
N GLN A 248 -36.05 -24.88 35.98
CA GLN A 248 -36.82 -25.45 34.86
C GLN A 248 -36.30 -24.92 33.51
N THR A 249 -36.19 -25.83 32.49
CA THR A 249 -35.68 -25.52 31.15
C THR A 249 -36.19 -26.51 30.06
N GLN A 250 -37.49 -26.87 30.12
CA GLN A 250 -38.11 -27.78 29.15
C GLN A 250 -39.61 -27.52 28.98
N THR A 252 -40.91 -24.50 28.53
CA THR A 252 -40.64 -23.08 28.33
C THR A 252 -40.48 -22.68 26.87
N GLU A 253 -40.99 -21.49 26.51
CA GLU A 253 -40.85 -20.86 25.19
C GLU A 253 -39.99 -19.60 25.39
N LEU A 254 -38.89 -19.50 24.63
CA LEU A 254 -37.98 -18.36 24.70
C LEU A 254 -37.77 -17.77 23.29
N VAL A 255 -37.89 -16.43 23.18
CA VAL A 255 -37.69 -15.68 21.93
C VAL A 255 -36.32 -15.06 21.85
N GLU A 256 -35.80 -14.94 20.63
CA GLU A 256 -34.54 -14.28 20.33
C GLU A 256 -34.63 -12.81 20.78
N THR A 257 -33.57 -12.28 21.41
CA THR A 257 -33.49 -10.87 21.81
C THR A 257 -33.70 -10.04 20.58
N ARG A 258 -34.61 -9.09 20.66
CA ARG A 258 -34.98 -8.29 19.52
C ARG A 258 -34.82 -6.78 19.75
N PRO A 259 -34.47 -6.02 18.70
CA PRO A 259 -34.34 -4.56 18.89
C PRO A 259 -35.72 -3.89 19.04
N ALA A 260 -35.81 -2.88 19.92
CA ALA A 260 -37.04 -2.10 20.08
C ALA A 260 -37.05 -0.95 19.06
N GLY A 261 -35.89 -0.69 18.45
CA GLY A 261 -35.71 0.33 17.44
C GLY A 261 -35.26 1.67 17.98
N ASP A 262 -35.11 1.81 19.31
CA ASP A 262 -34.68 3.07 19.92
C ASP A 262 -33.30 2.92 20.57
N GLY A 263 -32.59 1.88 20.17
CA GLY A 263 -31.27 1.53 20.69
C GLY A 263 -31.34 0.63 21.91
N THR A 264 -32.53 0.12 22.22
CA THR A 264 -32.75 -0.78 23.36
C THR A 264 -33.28 -2.13 22.86
N PHE A 265 -33.29 -3.13 23.72
CA PHE A 265 -33.70 -4.45 23.32
C PHE A 265 -34.87 -5.01 24.14
N GLN A 266 -35.47 -6.09 23.65
CA GLN A 266 -36.59 -6.78 24.29
C GLN A 266 -36.36 -8.26 24.22
N LYS A 267 -37.01 -8.99 25.12
CA LYS A 267 -37.01 -10.45 25.22
C LYS A 267 -38.12 -10.84 26.16
N TRP A 268 -38.63 -12.06 25.98
CA TRP A 268 -39.61 -12.67 26.86
C TRP A 268 -39.42 -14.16 26.95
N ALA A 269 -39.74 -14.71 28.13
CA ALA A 269 -39.66 -16.14 28.43
C ALA A 269 -41.00 -16.57 29.01
N ALA A 270 -41.61 -17.59 28.38
CA ALA A 270 -42.92 -18.14 28.76
C ALA A 270 -42.84 -19.59 29.24
N VAL A 271 -43.84 -20.02 30.04
CA VAL A 271 -44.01 -21.36 30.60
C VAL A 271 -45.51 -21.68 30.78
N VAL A 272 -45.90 -22.93 30.47
CA VAL A 272 -47.29 -23.41 30.58
C VAL A 272 -47.69 -23.77 32.03
N SER A 275 -51.26 -23.97 35.77
CA SER A 275 -52.27 -25.03 35.79
C SER A 275 -53.51 -24.57 36.58
N GLY A 276 -53.25 -24.06 37.78
CA GLY A 276 -54.19 -23.56 38.79
C GLY A 276 -53.39 -23.19 40.03
N GLN A 277 -52.21 -23.83 40.16
CA GLN A 277 -51.19 -23.64 41.20
C GLN A 277 -49.99 -22.94 40.52
N GLU A 278 -50.28 -21.86 39.75
CA GLU A 278 -49.31 -21.08 38.98
C GLU A 278 -48.57 -19.99 39.82
N GLN A 279 -48.55 -20.18 41.16
CA GLN A 279 -47.87 -19.28 42.09
C GLN A 279 -46.60 -19.94 42.65
N ARG A 280 -46.38 -21.22 42.30
CA ARG A 280 -45.22 -22.02 42.73
C ARG A 280 -44.16 -22.04 41.64
N THR A 282 -41.72 -19.13 39.46
CA THR A 282 -40.96 -17.87 39.51
C THR A 282 -39.91 -17.71 38.38
N CYS A 283 -39.77 -16.48 37.83
CA CYS A 283 -38.84 -16.13 36.74
C CYS A 283 -37.66 -15.28 37.23
N HIS A 284 -36.43 -15.68 36.83
CA HIS A 284 -35.16 -15.03 37.19
C HIS A 284 -34.51 -14.29 36.01
N VAL A 285 -34.26 -12.97 36.22
CA VAL A 285 -33.69 -12.04 35.25
C VAL A 285 -32.27 -11.64 35.66
N GLN A 286 -31.28 -11.92 34.79
CA GLN A 286 -29.88 -11.52 35.01
C GLN A 286 -29.42 -10.64 33.82
N HIS A 287 -29.04 -9.39 34.14
CA HIS A 287 -28.59 -8.40 33.17
C HIS A 287 -27.49 -7.58 33.80
N GLU A 288 -26.61 -7.01 32.96
CA GLU A 288 -25.47 -6.14 33.32
C GLU A 288 -25.89 -4.86 34.07
N GLY A 289 -27.13 -4.40 33.84
CA GLY A 289 -27.66 -3.19 34.47
C GLY A 289 -28.34 -3.40 35.81
N LEU A 290 -28.40 -4.68 36.28
CA LEU A 290 -29.01 -5.08 37.55
C LEU A 290 -27.94 -5.34 38.61
N PRO A 291 -28.00 -4.65 39.79
CA PRO A 291 -26.99 -4.89 40.84
C PRO A 291 -27.13 -6.31 41.41
N LYS A 292 -28.36 -6.66 41.82
CA LYS A 292 -28.72 -7.99 42.31
C LYS A 292 -29.80 -8.54 41.37
N PRO A 293 -29.61 -9.74 40.75
CA PRO A 293 -30.62 -10.29 39.82
C PRO A 293 -32.05 -10.35 40.37
N LEU A 294 -33.00 -9.69 39.67
CA LEU A 294 -34.43 -9.60 40.03
C LEU A 294 -35.19 -10.91 39.81
N THR A 295 -36.12 -11.24 40.74
CA THR A 295 -36.97 -12.44 40.70
C THR A 295 -38.44 -12.05 40.71
N LEU A 296 -39.20 -12.57 39.72
CA LEU A 296 -40.62 -12.29 39.52
C LEU A 296 -41.51 -13.50 39.82
N ARG A 297 -42.69 -13.22 40.41
CA ARG A 297 -43.73 -14.18 40.78
C ARG A 297 -45.10 -13.55 40.45
N TRP A 298 -46.15 -14.39 40.26
CA TRP A 298 -47.49 -13.92 39.91
C TRP A 298 -48.40 -13.76 41.16
N MET B 1 -24.51 -22.82 -1.52
CA MET B 1 -25.74 -22.02 -1.57
C MET B 1 -26.77 -22.69 -0.67
N ILE B 2 -26.62 -22.46 0.65
CA ILE B 2 -27.40 -23.10 1.70
C ILE B 2 -28.50 -22.14 2.19
N GLN B 3 -29.74 -22.63 2.24
CA GLN B 3 -30.93 -21.89 2.66
C GLN B 3 -31.13 -22.00 4.16
N ARG B 4 -31.68 -20.95 4.74
CA ARG B 4 -32.00 -20.81 6.16
CA ARG B 4 -32.00 -20.82 6.16
C ARG B 4 -33.27 -19.98 6.17
N THR B 5 -34.37 -20.53 6.67
CA THR B 5 -35.67 -19.87 6.68
CA THR B 5 -35.65 -19.85 6.65
C THR B 5 -35.68 -18.78 7.73
N PRO B 6 -36.26 -17.59 7.44
CA PRO B 6 -36.25 -16.54 8.46
C PRO B 6 -37.14 -16.78 9.67
N LYS B 7 -36.71 -16.34 10.84
CA LYS B 7 -37.54 -16.27 12.03
C LYS B 7 -38.11 -14.88 11.92
N ILE B 8 -39.42 -14.73 12.16
CA ILE B 8 -40.14 -13.45 12.09
C ILE B 8 -40.75 -13.11 13.45
N GLN B 9 -40.61 -11.86 13.90
CA GLN B 9 -41.28 -11.39 15.12
C GLN B 9 -41.96 -10.04 14.85
N VAL B 10 -43.30 -9.99 15.07
CA VAL B 10 -44.13 -8.80 14.92
C VAL B 10 -44.49 -8.25 16.34
N TYR B 11 -44.08 -7.01 16.65
CA TYR B 11 -44.21 -6.44 18.00
C TYR B 11 -44.08 -4.92 17.98
N SER B 12 -44.44 -4.25 19.08
CA SER B 12 -44.36 -2.79 19.20
C SER B 12 -43.15 -2.32 20.02
N ARG B 13 -42.71 -1.08 19.80
CA ARG B 13 -41.57 -0.49 20.54
C ARG B 13 -41.86 -0.41 22.06
N HIS B 14 -43.05 0.06 22.42
CA HIS B 14 -43.52 0.23 23.79
C HIS B 14 -44.82 -0.53 23.99
N PRO B 15 -45.25 -0.78 25.27
CA PRO B 15 -46.54 -1.46 25.50
C PRO B 15 -47.70 -0.75 24.81
N ALA B 16 -48.42 -1.49 23.95
CA ALA B 16 -49.53 -0.96 23.17
C ALA B 16 -50.61 -0.38 24.05
N GLU B 17 -51.15 0.78 23.66
CA GLU B 17 -52.22 1.50 24.34
C GLU B 17 -53.03 2.22 23.28
N ASN B 18 -54.30 1.75 23.01
CA ASN B 18 -55.22 2.34 22.03
C ASN B 18 -55.18 3.88 22.08
N GLY B 19 -54.91 4.51 20.96
CA GLY B 19 -54.79 5.96 20.89
C GLY B 19 -53.38 6.50 21.06
N LYS B 20 -52.57 5.90 21.94
CA LYS B 20 -51.19 6.33 22.16
C LYS B 20 -50.28 5.91 20.99
N SER B 21 -49.68 6.89 20.26
CA SER B 21 -48.76 6.65 19.12
CA SER B 21 -48.76 6.65 19.12
C SER B 21 -47.56 5.81 19.56
N ASN B 22 -47.13 4.90 18.69
CA ASN B 22 -46.06 3.95 18.92
C ASN B 22 -45.36 3.56 17.57
N PHE B 23 -44.50 2.53 17.63
CA PHE B 23 -43.80 1.95 16.48
C PHE B 23 -44.08 0.45 16.37
N LEU B 24 -44.61 0.00 15.21
CA LEU B 24 -44.81 -1.43 14.94
C LEU B 24 -43.55 -1.90 14.24
N ASN B 25 -42.96 -2.98 14.77
CA ASN B 25 -41.77 -3.65 14.27
C ASN B 25 -42.04 -5.05 13.71
N CYS B 26 -41.28 -5.42 12.68
CA CYS B 26 -41.18 -6.73 12.10
C CYS B 26 -39.67 -7.02 12.03
N TYR B 27 -39.23 -8.01 12.82
CA TYR B 27 -37.82 -8.34 12.89
C TYR B 27 -37.60 -9.67 12.27
N VAL B 28 -36.88 -9.67 11.18
CA VAL B 28 -36.59 -10.85 10.38
C VAL B 28 -35.15 -11.26 10.59
N SER B 29 -34.95 -12.50 11.04
CA SER B 29 -33.60 -12.97 11.39
C SER B 29 -33.33 -14.44 11.06
N GLY B 30 -32.07 -14.79 11.01
CA GLY B 30 -31.65 -16.15 10.76
C GLY B 30 -31.83 -16.66 9.35
N PHE B 31 -31.99 -15.75 8.38
CA PHE B 31 -32.19 -16.20 6.99
C PHE B 31 -30.94 -16.20 6.15
N HIS B 32 -31.05 -16.86 4.99
CA HIS B 32 -29.98 -16.96 4.01
C HIS B 32 -30.56 -17.53 2.71
N PRO B 33 -30.32 -16.95 1.51
CA PRO B 33 -29.56 -15.71 1.21
C PRO B 33 -30.31 -14.45 1.66
N SER B 34 -29.72 -13.28 1.38
CA SER B 34 -30.16 -11.94 1.78
C SER B 34 -31.44 -11.47 1.13
N ASP B 35 -31.73 -11.95 -0.09
CA ASP B 35 -32.96 -11.63 -0.84
C ASP B 35 -34.15 -11.99 0.02
N ILE B 36 -34.95 -10.99 0.36
CA ILE B 36 -36.13 -11.12 1.20
C ILE B 36 -37.10 -9.96 0.90
N GLU B 37 -38.39 -10.24 0.91
CA GLU B 37 -39.48 -9.26 0.80
C GLU B 37 -40.06 -9.22 2.23
N VAL B 38 -40.30 -8.00 2.75
CA VAL B 38 -40.96 -7.75 4.04
C VAL B 38 -41.92 -6.56 3.88
N ASP B 39 -43.18 -6.74 4.19
CA ASP B 39 -44.16 -5.67 4.16
C ASP B 39 -44.95 -5.71 5.43
N LEU B 40 -45.32 -4.54 5.94
CA LEU B 40 -46.17 -4.36 7.10
C LEU B 40 -47.53 -4.05 6.52
N LEU B 41 -48.56 -4.68 7.10
CA LEU B 41 -49.93 -4.58 6.62
C LEU B 41 -50.83 -4.05 7.69
N LYS B 42 -51.89 -3.29 7.27
CA LYS B 42 -52.95 -2.79 8.13
C LYS B 42 -54.24 -3.24 7.48
N ASN B 43 -54.95 -4.16 8.16
CA ASN B 43 -56.19 -4.76 7.69
C ASN B 43 -56.04 -5.29 6.26
N GLY B 44 -54.90 -5.96 6.05
CA GLY B 44 -54.53 -6.57 4.77
C GLY B 44 -54.02 -5.61 3.70
N GLU B 45 -54.10 -4.28 3.95
CA GLU B 45 -53.60 -3.29 3.02
C GLU B 45 -52.12 -3.03 3.37
N ARG B 46 -51.28 -2.91 2.33
CA ARG B 46 -49.84 -2.64 2.44
C ARG B 46 -49.60 -1.23 2.97
N ILE B 47 -48.72 -1.13 4.00
CA ILE B 47 -48.28 0.16 4.57
C ILE B 47 -47.03 0.62 3.81
N GLU B 48 -47.08 1.84 3.24
CA GLU B 48 -45.99 2.43 2.43
C GLU B 48 -44.92 3.07 3.26
N LYS B 49 -45.31 3.81 4.30
CA LYS B 49 -44.43 4.56 5.19
C LYS B 49 -43.68 3.66 6.15
N VAL B 50 -42.87 2.76 5.58
CA VAL B 50 -42.06 1.79 6.33
C VAL B 50 -40.58 2.02 6.09
N GLU B 51 -39.80 1.89 7.12
CA GLU B 51 -38.37 2.07 7.09
C GLU B 51 -37.70 0.79 7.54
N HIS B 52 -36.43 0.59 7.17
CA HIS B 52 -35.72 -0.60 7.60
C HIS B 52 -34.27 -0.35 7.89
N SER B 53 -33.65 -1.29 8.61
CA SER B 53 -32.26 -1.23 8.99
C SER B 53 -31.37 -1.69 7.86
N ASP B 54 -30.07 -1.47 8.00
CA ASP B 54 -29.11 -1.92 7.02
C ASP B 54 -28.81 -3.41 7.25
N LEU B 55 -28.74 -4.18 6.15
CA LEU B 55 -28.46 -5.59 6.19
C LEU B 55 -27.15 -5.91 6.94
N SER B 56 -27.26 -6.83 7.92
CA SER B 56 -26.16 -7.30 8.76
C SER B 56 -26.41 -8.75 9.05
N PHE B 57 -25.41 -9.43 9.56
CA PHE B 57 -25.48 -10.86 9.86
C PHE B 57 -24.98 -11.16 11.25
N SER B 58 -25.38 -12.33 11.77
CA SER B 58 -24.95 -12.76 13.10
CA SER B 58 -24.96 -12.80 13.09
C SER B 58 -23.72 -13.66 12.95
N LYS B 59 -23.10 -14.07 14.08
CA LYS B 59 -21.89 -14.92 14.20
C LYS B 59 -21.87 -16.11 13.22
N ASP B 60 -23.04 -16.72 12.94
CA ASP B 60 -23.22 -17.84 12.02
C ASP B 60 -23.52 -17.43 10.55
N TRP B 61 -23.32 -16.14 10.17
CA TRP B 61 -23.50 -15.61 8.80
C TRP B 61 -24.94 -15.46 8.32
N SER B 62 -25.92 -15.71 9.19
CA SER B 62 -27.32 -15.57 8.80
CA SER B 62 -27.32 -15.57 8.80
C SER B 62 -27.68 -14.10 8.96
N PHE B 63 -28.54 -13.60 8.06
CA PHE B 63 -28.96 -12.19 8.03
C PHE B 63 -30.06 -11.82 8.98
N TYR B 64 -30.09 -10.55 9.37
CA TYR B 64 -31.15 -9.97 10.17
C TYR B 64 -31.44 -8.58 9.64
N LEU B 65 -32.71 -8.13 9.79
CA LEU B 65 -33.19 -6.82 9.37
C LEU B 65 -34.29 -6.48 10.29
N LEU B 66 -34.52 -5.18 10.46
CA LEU B 66 -35.65 -4.67 11.21
C LEU B 66 -36.41 -3.70 10.31
N TYR B 67 -37.71 -3.94 10.13
CA TYR B 67 -38.63 -3.10 9.40
C TYR B 67 -39.56 -2.54 10.47
N TYR B 68 -39.78 -1.21 10.42
CA TYR B 68 -40.61 -0.51 11.38
C TYR B 68 -41.46 0.56 10.74
N THR B 69 -42.55 0.92 11.42
CA THR B 69 -43.53 1.93 11.00
C THR B 69 -44.13 2.61 12.24
N GLU B 70 -44.54 3.86 12.07
CA GLU B 70 -45.21 4.58 13.15
C GLU B 70 -46.64 4.20 13.03
N PHE B 71 -47.27 3.84 14.14
CA PHE B 71 -48.68 3.48 14.13
C PHE B 71 -49.36 3.92 15.41
N THR B 72 -50.68 4.08 15.35
CA THR B 72 -51.50 4.41 16.52
C THR B 72 -52.41 3.18 16.71
N PRO B 73 -52.16 2.37 17.77
CA PRO B 73 -53.03 1.21 18.01
C PRO B 73 -54.48 1.63 18.29
N THR B 74 -55.41 0.81 17.81
CA THR B 74 -56.85 0.93 18.01
C THR B 74 -57.28 -0.48 18.40
N GLU B 75 -58.52 -0.64 18.89
CA GLU B 75 -59.03 -1.95 19.27
C GLU B 75 -59.39 -2.79 18.05
N LYS B 76 -59.93 -2.14 17.00
CA LYS B 76 -60.41 -2.80 15.79
C LYS B 76 -59.34 -3.10 14.72
N ASP B 77 -58.30 -2.23 14.56
CA ASP B 77 -57.27 -2.41 13.53
C ASP B 77 -56.39 -3.63 13.74
N GLU B 78 -56.18 -4.39 12.65
CA GLU B 78 -55.35 -5.59 12.62
C GLU B 78 -54.05 -5.27 11.86
N TYR B 79 -52.89 -5.53 12.50
CA TYR B 79 -51.56 -5.31 11.89
C TYR B 79 -50.84 -6.61 11.70
N ALA B 80 -50.13 -6.76 10.58
CA ALA B 80 -49.41 -8.00 10.28
C ALA B 80 -48.12 -7.73 9.50
N CYS B 81 -47.33 -8.76 9.25
CA CYS B 81 -46.10 -8.65 8.51
C CYS B 81 -46.07 -9.75 7.45
N ARG B 82 -46.10 -9.39 6.15
CA ARG B 82 -45.99 -10.36 5.06
C ARG B 82 -44.51 -10.57 4.71
N VAL B 83 -44.04 -11.80 4.73
CA VAL B 83 -42.62 -12.09 4.43
C VAL B 83 -42.50 -13.09 3.28
N ASN B 84 -41.62 -12.80 2.31
CA ASN B 84 -41.35 -13.77 1.24
C ASN B 84 -39.85 -13.95 1.09
N HIS B 85 -39.43 -15.22 0.96
CA HIS B 85 -38.06 -15.69 0.84
C HIS B 85 -38.04 -16.97 -0.01
N VAL B 86 -36.90 -17.31 -0.64
CA VAL B 86 -36.73 -18.56 -1.44
C VAL B 86 -37.13 -19.85 -0.65
N THR B 87 -36.99 -19.82 0.70
CA THR B 87 -37.32 -20.93 1.57
C THR B 87 -38.83 -21.08 1.83
N LEU B 88 -39.65 -20.13 1.40
CA LEU B 88 -41.10 -20.19 1.65
C LEU B 88 -41.84 -20.46 0.36
N SER B 89 -42.54 -21.61 0.30
CA SER B 89 -43.41 -22.08 -0.79
C SER B 89 -44.50 -21.02 -0.98
N GLN B 90 -45.05 -20.53 0.16
CA GLN B 90 -46.07 -19.50 0.21
CA GLN B 90 -46.07 -19.48 0.21
C GLN B 90 -45.59 -18.35 1.14
N PRO B 91 -45.88 -17.05 0.83
CA PRO B 91 -45.46 -15.95 1.73
C PRO B 91 -46.02 -16.12 3.14
N LYS B 92 -45.26 -15.79 4.19
CA LYS B 92 -45.71 -16.00 5.59
C LYS B 92 -46.27 -14.73 6.21
N ILE B 93 -47.56 -14.72 6.49
CA ILE B 93 -48.21 -13.59 7.14
C ILE B 93 -48.17 -13.87 8.63
N VAL B 94 -47.56 -12.95 9.42
CA VAL B 94 -47.45 -13.10 10.88
C VAL B 94 -48.25 -11.96 11.48
N LYS B 95 -49.41 -12.27 12.11
CA LYS B 95 -50.28 -11.27 12.72
C LYS B 95 -49.62 -10.68 13.98
N TRP B 96 -49.86 -9.40 14.25
CA TRP B 96 -49.37 -8.75 15.47
C TRP B 96 -50.29 -9.14 16.63
N ASP B 97 -49.72 -9.75 17.64
CA ASP B 97 -50.39 -10.08 18.90
C ASP B 97 -49.84 -9.04 19.89
N ARG B 98 -50.73 -8.35 20.60
CA ARG B 98 -50.40 -7.30 21.58
C ARG B 98 -49.59 -7.81 22.80
N ASP B 99 -49.67 -9.12 23.14
CA ASP B 99 -48.86 -9.69 24.23
C ASP B 99 -47.89 -10.80 23.72
N MET B 100 -46.94 -10.40 22.85
CA MET B 100 -45.90 -11.21 22.19
C MET B 100 -44.96 -10.31 21.37
N TYR C 1 -13.31 2.87 12.28
CA TYR C 1 -12.23 3.19 11.36
C TYR C 1 -11.88 1.93 10.62
N LEU C 2 -12.25 1.87 9.34
CA LEU C 2 -12.01 0.74 8.44
C LEU C 2 -10.52 0.48 8.32
N GLN C 3 -10.17 -0.76 8.00
CA GLN C 3 -8.76 -1.15 7.75
C GLN C 3 -8.31 -0.57 6.39
N PRO C 4 -7.20 0.18 6.29
CA PRO C 4 -6.85 0.79 4.98
C PRO C 4 -6.28 -0.20 3.97
N ARG C 5 -5.79 -1.34 4.42
CA ARG C 5 -5.26 -2.37 3.54
C ARG C 5 -6.36 -3.39 3.23
N THR C 6 -6.51 -3.77 1.93
CA THR C 6 -7.47 -4.82 1.54
C THR C 6 -6.67 -5.99 0.95
N PHE C 7 -7.13 -7.22 1.18
CA PHE C 7 -6.39 -8.39 0.66
C PHE C 7 -7.27 -9.23 -0.26
N LEU C 8 -6.75 -9.53 -1.45
CA LEU C 8 -7.45 -10.33 -2.46
C LEU C 8 -7.46 -11.80 -2.07
N LEU C 9 -8.62 -12.46 -2.17
CA LEU C 9 -8.85 -13.89 -1.93
C LEU C 9 -8.18 -14.72 -3.06
N GLU D 3 1.16 10.95 0.51
CA GLU D 3 1.57 10.68 1.90
C GLU D 3 2.97 11.27 2.16
N VAL D 4 3.14 11.97 3.29
CA VAL D 4 4.46 12.51 3.62
C VAL D 4 5.24 11.38 4.33
N GLU D 5 6.38 11.04 3.75
CA GLU D 5 7.39 10.10 4.26
C GLU D 5 8.66 10.95 4.29
N GLN D 6 9.28 11.07 5.47
CA GLN D 6 10.48 11.87 5.65
C GLN D 6 11.75 11.03 5.90
N ASN D 7 12.73 11.06 4.93
CA ASN D 7 14.08 10.42 4.88
C ASN D 7 15.16 11.56 5.26
N SER D 8 16.31 11.75 4.50
CA SER D 8 17.29 12.83 4.78
C SER D 8 18.39 13.08 3.68
N GLY D 9 19.55 13.69 4.09
CA GLY D 9 20.71 14.10 3.28
C GLY D 9 21.91 13.18 3.22
N PRO D 10 22.98 13.47 2.37
CA PRO D 10 24.11 12.52 2.14
C PRO D 10 24.82 11.95 3.34
N LEU D 11 25.00 10.64 3.37
CA LEU D 11 25.63 9.97 4.49
C LEU D 11 26.87 9.24 4.09
N SER D 12 28.02 9.65 4.62
CA SER D 12 29.31 9.03 4.37
C SER D 12 29.74 8.23 5.61
N VAL D 13 29.90 6.92 5.42
CA VAL D 13 30.27 5.99 6.47
C VAL D 13 31.43 5.10 5.98
N PRO D 14 32.47 4.87 6.82
CA PRO D 14 33.61 4.10 6.35
C PRO D 14 33.29 2.61 6.21
N GLU D 15 34.04 1.94 5.34
CA GLU D 15 33.94 0.51 5.16
C GLU D 15 34.14 -0.14 6.55
N GLY D 16 33.21 -1.00 6.94
CA GLY D 16 33.26 -1.69 8.21
C GLY D 16 32.46 -1.04 9.33
N ALA D 17 32.08 0.24 9.17
CA ALA D 17 31.30 0.93 10.18
C ALA D 17 29.79 0.63 10.03
N ILE D 18 29.01 1.09 11.00
CA ILE D 18 27.58 0.97 11.05
C ILE D 18 26.97 2.17 10.37
N ALA D 19 26.07 1.94 9.37
CA ALA D 19 25.33 3.03 8.70
C ALA D 19 23.87 3.04 9.26
N SER D 20 23.34 4.21 9.58
CA SER D 20 22.01 4.27 10.16
C SER D 20 21.11 5.28 9.46
N LEU D 21 20.03 4.77 8.85
CA LEU D 21 19.04 5.55 8.12
C LEU D 21 17.74 5.58 8.95
N ASN D 22 17.07 6.75 9.00
CA ASN D 22 15.85 7.02 9.79
C ASN D 22 14.73 7.39 8.85
N CYS D 23 13.49 7.27 9.32
CA CYS D 23 12.34 7.60 8.49
C CYS D 23 11.08 7.74 9.32
N THR D 24 10.24 8.72 9.01
CA THR D 24 8.97 8.93 9.68
C THR D 24 7.87 9.06 8.63
N TYR D 25 6.67 8.59 8.95
CA TYR D 25 5.50 8.63 8.07
C TYR D 25 4.40 9.35 8.83
N SER D 26 3.52 10.01 8.09
CA SER D 26 2.48 10.88 8.61
C SER D 26 1.19 10.21 9.03
N ASP D 27 0.85 9.01 8.45
CA ASP D 27 -0.40 8.33 8.76
C ASP D 27 -0.24 7.15 9.72
N ARG D 28 -0.74 7.37 10.94
CA ARG D 28 -0.68 6.40 12.03
C ARG D 28 -1.39 5.07 11.64
N GLY D 29 -2.33 5.16 10.68
CA GLY D 29 -3.12 4.04 10.20
C GLY D 29 -2.40 3.00 9.34
N SER D 30 -1.20 3.37 8.80
CA SER D 30 -0.30 2.58 7.93
C SER D 30 0.08 1.22 8.57
N GLN D 31 0.41 0.22 7.74
CA GLN D 31 0.59 -1.17 8.18
C GLN D 31 1.79 -1.84 7.56
N SER D 32 2.19 -1.35 6.39
CA SER D 32 3.23 -1.94 5.55
C SER D 32 4.35 -0.94 5.36
N PHE D 33 5.55 -1.38 5.77
CA PHE D 33 6.76 -0.58 5.77
C PHE D 33 7.85 -1.40 5.17
N PHE D 34 8.61 -0.75 4.27
CA PHE D 34 9.69 -1.35 3.52
C PHE D 34 10.90 -0.44 3.47
N TRP D 35 12.04 -1.01 3.12
CA TRP D 35 13.27 -0.33 2.81
C TRP D 35 13.67 -0.86 1.42
N TYR D 36 13.64 0.02 0.45
CA TYR D 36 14.04 -0.24 -0.92
C TYR D 36 15.45 0.34 -1.09
N ARG D 37 16.29 -0.32 -1.86
CA ARG D 37 17.64 0.13 -2.14
C ARG D 37 17.63 0.46 -3.60
N GLN D 38 18.37 1.47 -4.04
CA GLN D 38 18.41 1.81 -5.45
C GLN D 38 19.79 2.28 -5.90
N TYR D 39 20.46 1.46 -6.72
CA TYR D 39 21.76 1.75 -7.34
C TYR D 39 21.58 2.79 -8.44
N SER D 40 22.65 3.55 -8.74
CA SER D 40 22.66 4.59 -9.76
C SER D 40 22.27 4.01 -11.14
N GLY D 41 21.26 4.60 -11.76
CA GLY D 41 20.74 4.16 -13.06
C GLY D 41 20.09 2.78 -13.01
N LYS D 42 19.39 2.51 -11.92
CA LYS D 42 18.71 1.27 -11.70
C LYS D 42 17.41 1.60 -10.97
N SER D 43 16.55 0.63 -10.81
CA SER D 43 15.27 0.86 -10.16
C SER D 43 15.22 0.29 -8.75
N PRO D 44 14.27 0.72 -7.88
CA PRO D 44 14.32 0.22 -6.49
C PRO D 44 14.08 -1.28 -6.35
N GLU D 45 14.84 -1.93 -5.47
CA GLU D 45 14.69 -3.33 -5.10
C GLU D 45 14.42 -3.42 -3.62
N LEU D 46 13.55 -4.31 -3.22
CA LEU D 46 13.21 -4.48 -1.82
C LEU D 46 14.34 -5.13 -1.06
N ILE D 47 14.77 -4.51 0.04
CA ILE D 47 15.80 -5.12 0.87
C ILE D 47 15.14 -5.66 2.12
N MET D 48 14.17 -4.95 2.68
CA MET D 48 13.48 -5.41 3.87
C MET D 48 12.06 -4.92 3.97
N PHE D 49 11.22 -5.70 4.65
CA PHE D 49 9.88 -5.26 5.02
C PHE D 49 9.77 -5.45 6.51
N ILE D 50 9.03 -4.53 7.16
CA ILE D 50 8.78 -4.65 8.59
C ILE D 50 7.29 -4.39 8.80
N TYR D 51 6.60 -5.27 9.55
CA TYR D 51 5.15 -5.10 9.75
C TYR D 51 4.70 -5.02 11.22
N SER D 52 5.62 -5.25 12.19
CA SER D 52 5.33 -5.22 13.62
C SER D 52 6.31 -4.31 14.35
N ASN D 53 5.87 -3.75 15.50
CA ASN D 53 6.75 -2.96 16.38
C ASN D 53 7.82 -3.92 16.80
N GLY D 54 9.06 -3.42 16.82
CA GLY D 54 10.18 -4.28 17.21
C GLY D 54 11.34 -4.16 16.25
N ASP D 55 12.27 -5.09 16.34
CA ASP D 55 13.47 -5.08 15.48
C ASP D 55 13.42 -6.30 14.58
N LYS D 56 13.85 -6.16 13.33
CA LYS D 56 13.91 -7.32 12.44
C LYS D 56 15.37 -7.40 12.00
N GLU D 57 16.00 -8.54 12.18
CA GLU D 57 17.41 -8.69 11.79
C GLU D 57 17.50 -9.58 10.56
N ASP D 58 18.28 -9.16 9.57
CA ASP D 58 18.54 -10.00 8.38
C ASP D 58 19.99 -9.79 7.98
N GLY D 59 20.87 -10.60 8.55
CA GLY D 59 22.31 -10.51 8.30
C GLY D 59 22.87 -9.27 8.92
N ARG D 60 23.35 -8.36 8.07
CA ARG D 60 23.97 -7.11 8.53
C ARG D 60 22.92 -6.01 8.63
N PHE D 61 21.68 -6.32 8.27
CA PHE D 61 20.60 -5.34 8.31
C PHE D 61 19.71 -5.50 9.52
N THR D 62 19.40 -4.38 10.16
CA THR D 62 18.46 -4.36 11.27
C THR D 62 17.48 -3.28 10.95
N ALA D 63 16.22 -3.65 10.82
CA ALA D 63 15.20 -2.65 10.62
C ALA D 63 14.49 -2.53 11.98
N GLN D 64 14.05 -1.33 12.29
CA GLN D 64 13.25 -1.09 13.51
C GLN D 64 11.97 -0.38 13.10
N LEU D 65 10.88 -0.67 13.77
CA LEU D 65 9.62 0.01 13.52
C LEU D 65 8.96 0.43 14.83
N ASN D 66 8.56 1.70 14.92
CA ASN D 66 7.78 2.23 16.04
C ASN D 66 6.51 2.90 15.53
N LYS D 67 5.41 2.15 15.57
CA LYS D 67 4.08 2.58 15.15
C LYS D 67 3.51 3.76 16.01
N ALA D 68 3.79 3.76 17.34
CA ALA D 68 3.36 4.82 18.25
C ALA D 68 4.06 6.19 17.95
N SER D 69 5.34 6.17 17.51
CA SER D 69 6.12 7.37 17.18
C SER D 69 6.36 7.49 15.68
N GLN D 70 5.60 6.70 14.91
CA GLN D 70 5.60 6.65 13.43
C GLN D 70 7.01 6.76 12.86
N TYR D 71 7.81 5.76 13.19
CA TYR D 71 9.22 5.72 12.89
C TYR D 71 9.70 4.40 12.36
N VAL D 72 10.61 4.47 11.42
CA VAL D 72 11.26 3.31 10.80
C VAL D 72 12.75 3.59 10.63
N SER D 73 13.63 2.68 11.09
CA SER D 73 15.07 2.82 10.84
C SER D 73 15.64 1.62 10.12
N LEU D 74 16.84 1.77 9.64
CA LEU D 74 17.59 0.72 9.00
C LEU D 74 19.02 0.94 9.41
N LEU D 75 19.58 -0.09 9.98
CA LEU D 75 20.95 -0.16 10.40
C LEU D 75 21.68 -1.23 9.60
N ILE D 76 22.80 -0.86 9.01
CA ILE D 76 23.69 -1.79 8.29
C ILE D 76 24.99 -1.87 9.11
N ARG D 77 25.30 -3.07 9.60
CA ARG D 77 26.50 -3.48 10.34
C ARG D 77 27.50 -3.77 9.25
N ASP D 78 28.81 -3.58 9.57
CA ASP D 78 29.95 -3.88 8.70
C ASP D 78 29.69 -3.43 7.27
N SER D 79 29.53 -2.12 7.08
CA SER D 79 29.26 -1.48 5.78
C SER D 79 30.26 -1.89 4.70
N GLN D 80 29.73 -2.32 3.57
CA GLN D 80 30.52 -2.80 2.44
C GLN D 80 30.31 -1.89 1.24
N PRO D 81 31.24 -1.85 0.25
CA PRO D 81 31.04 -1.00 -0.95
C PRO D 81 29.73 -1.24 -1.71
N SER D 82 29.22 -2.49 -1.67
CA SER D 82 27.96 -2.88 -2.32
C SER D 82 26.76 -2.16 -1.73
N ASP D 83 26.88 -1.61 -0.50
CA ASP D 83 25.81 -0.86 0.14
C ASP D 83 25.70 0.60 -0.28
N SER D 84 26.61 1.11 -1.13
CA SER D 84 26.56 2.53 -1.53
C SER D 84 25.45 2.71 -2.58
N ALA D 85 24.30 3.19 -2.09
CA ALA D 85 23.08 3.32 -2.88
C ALA D 85 22.19 4.33 -2.23
N THR D 86 21.12 4.72 -2.90
CA THR D 86 20.14 5.55 -2.23
C THR D 86 19.10 4.57 -1.65
N TYR D 87 18.80 4.78 -0.35
CA TYR D 87 17.88 3.99 0.47
C TYR D 87 16.59 4.73 0.55
N LEU D 88 15.50 4.07 0.07
CA LEU D 88 14.15 4.63 0.02
C LEU D 88 13.25 3.98 1.03
N CYS D 89 12.74 4.78 1.96
CA CYS D 89 11.76 4.35 2.94
C CYS D 89 10.40 4.37 2.21
N ALA D 90 9.66 3.26 2.29
CA ALA D 90 8.39 3.10 1.62
C ALA D 90 7.33 2.72 2.66
N VAL D 91 6.16 3.39 2.58
CA VAL D 91 5.06 3.23 3.54
C VAL D 91 3.75 3.17 2.75
N ASN D 92 2.81 2.29 3.15
CA ASN D 92 1.57 2.22 2.41
C ASN D 92 0.63 3.40 2.73
N ARG D 93 -0.15 3.80 1.71
CA ARG D 93 -1.24 4.75 1.79
C ARG D 93 -2.30 3.92 1.06
N ASP D 94 -3.15 3.24 1.87
CA ASP D 94 -4.14 2.26 1.44
C ASP D 94 -3.39 1.05 0.79
N ASP D 95 -3.60 0.75 -0.50
CA ASP D 95 -2.99 -0.38 -1.20
C ASP D 95 -1.98 0.08 -2.20
N LYS D 96 -1.27 1.15 -1.85
CA LYS D 96 -0.19 1.67 -2.66
C LYS D 96 0.96 2.07 -1.75
N ILE D 97 2.18 1.91 -2.25
CA ILE D 97 3.35 2.32 -1.53
C ILE D 97 3.65 3.80 -1.89
N ILE D 98 3.86 4.61 -0.88
CA ILE D 98 4.33 5.98 -1.01
C ILE D 98 5.75 5.97 -0.47
N PHE D 99 6.69 6.44 -1.30
CA PHE D 99 8.13 6.51 -1.07
C PHE D 99 8.55 7.84 -0.52
N GLY D 100 9.67 7.83 0.20
CA GLY D 100 10.32 9.03 0.70
C GLY D 100 11.28 9.54 -0.37
N LYS D 101 11.96 10.66 -0.11
CA LYS D 101 12.90 11.31 -1.05
C LYS D 101 14.13 10.43 -1.33
N GLY D 102 14.56 9.66 -0.35
CA GLY D 102 15.73 8.80 -0.41
C GLY D 102 16.93 9.40 0.29
N THR D 103 17.76 8.56 0.91
CA THR D 103 19.00 8.99 1.54
C THR D 103 20.12 8.34 0.76
N ARG D 104 21.03 9.12 0.20
CA ARG D 104 22.18 8.54 -0.49
C ARG D 104 23.20 8.16 0.60
N LEU D 105 23.65 6.93 0.54
CA LEU D 105 24.64 6.42 1.46
C LEU D 105 25.94 6.11 0.67
N HIS D 106 27.07 6.74 1.06
CA HIS D 106 28.40 6.52 0.48
C HIS D 106 29.25 5.68 1.43
N ILE D 107 29.70 4.50 0.96
CA ILE D 107 30.60 3.67 1.76
C ILE D 107 32.03 3.98 1.32
N LEU D 108 32.74 4.76 2.17
CA LEU D 108 34.11 5.25 1.95
C LEU D 108 35.18 4.20 2.19
N PRO D 109 36.24 4.11 1.33
CA PRO D 109 37.31 3.13 1.59
C PRO D 109 38.28 3.70 2.64
N ASN D 110 39.00 2.81 3.35
CA ASN D 110 39.93 3.25 4.40
C ASN D 110 41.35 3.27 3.88
N ILE D 111 41.72 4.44 3.31
CA ILE D 111 43.02 4.77 2.68
C ILE D 111 44.11 4.77 3.73
N GLN D 112 44.88 3.67 3.73
CA GLN D 112 45.95 3.31 4.67
C GLN D 112 47.21 4.15 4.55
N ASN D 113 47.60 4.62 3.35
CA ASN D 113 48.79 5.48 3.25
C ASN D 113 48.52 6.59 2.24
N PRO D 114 47.77 7.65 2.59
CA PRO D 114 47.48 8.70 1.60
C PRO D 114 48.71 9.21 0.83
N ASP D 115 48.52 9.54 -0.42
CA ASP D 115 49.54 10.04 -1.32
C ASP D 115 48.89 11.08 -2.23
N PRO D 116 48.25 12.14 -1.68
CA PRO D 116 47.63 13.15 -2.56
C PRO D 116 48.63 13.60 -3.61
N ALA D 117 48.28 13.46 -4.88
CA ALA D 117 49.16 13.79 -5.99
C ALA D 117 48.32 14.22 -7.18
N VAL D 118 48.81 15.24 -7.93
CA VAL D 118 48.11 15.78 -9.10
C VAL D 118 48.93 15.57 -10.38
N TYR D 119 48.40 14.74 -11.28
CA TYR D 119 49.06 14.37 -12.52
C TYR D 119 48.39 14.95 -13.76
N GLN D 120 49.18 15.24 -14.80
CA GLN D 120 48.62 15.70 -16.07
C GLN D 120 48.68 14.50 -17.03
N LEU D 121 47.55 14.06 -17.56
CA LEU D 121 47.54 12.91 -18.48
C LEU D 121 47.31 13.40 -19.88
N ARG D 122 48.20 13.03 -20.82
CA ARG D 122 48.03 13.46 -22.21
C ARG D 122 47.22 12.46 -23.04
N ASP D 123 46.51 12.97 -24.07
CA ASP D 123 45.65 12.16 -24.95
C ASP D 123 46.46 11.25 -25.86
N SER D 124 46.01 9.98 -25.95
CA SER D 124 46.61 8.92 -26.77
C SER D 124 46.78 9.30 -28.26
N LYS D 125 45.70 9.79 -28.91
CA LYS D 125 45.68 10.21 -30.32
C LYS D 125 46.32 11.62 -30.53
N SER D 126 45.60 12.66 -30.12
CA SER D 126 46.11 14.05 -30.24
C SER D 126 46.66 14.46 -28.88
N SER D 127 47.96 14.80 -28.83
CA SER D 127 48.67 15.15 -27.56
C SER D 127 48.57 16.63 -27.23
N ASP D 128 47.69 17.36 -27.92
CA ASP D 128 47.39 18.79 -27.65
C ASP D 128 46.26 18.88 -26.62
N LYS D 129 45.67 17.73 -26.28
CA LYS D 129 44.55 17.65 -25.30
C LYS D 129 45.08 16.98 -24.03
N SER D 130 44.58 17.37 -22.86
CA SER D 130 45.05 16.76 -21.59
C SER D 130 44.03 16.91 -20.47
N VAL D 131 44.19 16.10 -19.42
CA VAL D 131 43.32 16.16 -18.23
C VAL D 131 44.20 16.15 -16.99
N CYS D 132 43.71 16.71 -15.90
CA CYS D 132 44.41 16.68 -14.63
C CYS D 132 43.70 15.65 -13.76
N LEU D 133 44.49 14.76 -13.16
CA LEU D 133 44.02 13.65 -12.34
C LEU D 133 44.50 13.76 -10.89
N PHE D 134 43.59 14.15 -9.98
CA PHE D 134 43.87 14.24 -8.53
C PHE D 134 43.56 12.87 -7.98
N THR D 135 44.53 12.23 -7.34
CA THR D 135 44.36 10.86 -6.89
C THR D 135 45.12 10.53 -5.59
N ASP D 136 44.80 9.34 -5.03
CA ASP D 136 45.44 8.70 -3.87
C ASP D 136 45.29 9.52 -2.58
N PHE D 137 44.28 10.36 -2.55
CA PHE D 137 43.97 11.17 -1.40
C PHE D 137 43.04 10.44 -0.46
N ASP D 138 43.07 10.86 0.80
CA ASP D 138 42.25 10.42 1.94
C ASP D 138 40.75 10.50 1.64
N SER D 139 39.96 9.60 2.28
CA SER D 139 38.50 9.59 2.13
C SER D 139 37.82 10.80 2.81
N GLN D 140 38.55 11.54 3.66
CA GLN D 140 38.03 12.79 4.25
C GLN D 140 38.30 13.97 3.35
N THR D 141 39.08 13.80 2.28
CA THR D 141 39.30 14.88 1.31
C THR D 141 38.04 15.00 0.42
N ASN D 142 37.50 16.23 0.33
CA ASN D 142 36.31 16.59 -0.46
C ASN D 142 36.73 17.41 -1.67
N VAL D 143 36.12 17.15 -2.86
CA VAL D 143 36.49 17.89 -4.08
C VAL D 143 35.36 18.83 -4.53
N SER D 144 35.60 20.13 -4.39
CA SER D 144 34.65 21.18 -4.75
C SER D 144 34.58 21.41 -6.28
N GLN D 145 33.41 21.17 -6.83
CA GLN D 145 33.16 21.13 -8.29
C GLN D 145 33.35 22.43 -9.07
N SER D 146 33.33 22.28 -10.40
CA SER D 146 33.53 23.33 -11.43
C SER D 146 32.95 24.69 -11.00
N LYS D 147 33.80 25.58 -10.48
CA LYS D 147 33.36 26.97 -10.14
C LYS D 147 33.68 27.86 -11.35
N ASP D 148 34.55 27.38 -12.25
CA ASP D 148 34.94 28.18 -13.43
C ASP D 148 34.12 27.75 -14.65
N SER D 149 33.75 28.74 -15.45
CA SER D 149 32.99 28.55 -16.68
C SER D 149 33.67 27.57 -17.64
N ASP D 150 35.01 27.67 -17.77
CA ASP D 150 35.82 26.85 -18.67
C ASP D 150 36.38 25.57 -18.04
N VAL D 151 36.57 25.51 -16.69
CA VAL D 151 37.10 24.29 -16.04
C VAL D 151 35.95 23.39 -15.55
N TYR D 152 36.14 22.06 -15.74
CA TYR D 152 35.17 21.03 -15.36
C TYR D 152 35.84 20.08 -14.37
N ILE D 153 35.26 19.97 -13.17
CA ILE D 153 35.75 19.11 -12.09
C ILE D 153 34.69 18.03 -11.77
N THR D 154 35.08 16.75 -11.84
CA THR D 154 34.18 15.65 -11.51
C THR D 154 34.29 15.42 -10.01
N ASP D 155 33.31 14.73 -9.45
CA ASP D 155 33.29 14.34 -8.04
C ASP D 155 34.25 13.15 -7.86
N LYS D 156 34.66 12.88 -6.64
CA LYS D 156 35.57 11.78 -6.37
C LYS D 156 34.86 10.42 -6.48
N CYS D 157 35.62 9.33 -6.73
CA CYS D 157 35.09 7.97 -6.73
C CYS D 157 36.20 6.94 -6.57
N VAL D 158 35.87 5.80 -5.99
CA VAL D 158 36.76 4.71 -5.61
C VAL D 158 36.86 3.63 -6.66
N LEU D 159 38.10 3.21 -6.95
CA LEU D 159 38.37 2.07 -7.80
C LEU D 159 39.01 0.98 -6.92
N ASP D 160 38.65 -0.29 -7.16
CA ASP D 160 39.22 -1.37 -6.39
C ASP D 160 40.02 -2.30 -7.28
N MET D 161 41.36 -2.30 -7.09
CA MET D 161 42.30 -3.18 -7.77
C MET D 161 42.33 -4.47 -6.93
N ARG D 162 41.29 -5.31 -7.09
CA ARG D 162 41.03 -6.58 -6.38
C ARG D 162 42.25 -7.49 -6.20
N SER D 163 43.00 -7.77 -7.28
CA SER D 163 44.21 -8.61 -7.25
C SER D 163 45.26 -8.11 -6.23
N MET D 164 45.44 -6.78 -6.15
CA MET D 164 46.40 -6.05 -5.32
C MET D 164 45.92 -5.79 -3.89
N ASP D 165 44.59 -5.92 -3.61
CA ASP D 165 43.94 -5.57 -2.32
C ASP D 165 44.19 -4.03 -2.08
N PHE D 166 43.99 -3.26 -3.17
CA PHE D 166 44.25 -1.85 -3.23
C PHE D 166 43.07 -1.04 -3.75
N LYS D 167 42.56 -0.17 -2.88
CA LYS D 167 41.51 0.80 -3.15
C LYS D 167 42.17 2.19 -3.24
N SER D 168 41.56 3.08 -4.02
CA SER D 168 42.12 4.38 -4.33
C SER D 168 40.99 5.37 -4.67
N ASN D 169 41.07 6.64 -4.20
CA ASN D 169 40.11 7.70 -4.54
C ASN D 169 40.71 8.46 -5.69
N SER D 170 39.86 9.13 -6.47
CA SER D 170 40.24 9.79 -7.71
C SER D 170 39.25 10.87 -8.04
N ALA D 171 39.72 11.95 -8.64
CA ALA D 171 38.87 13.03 -9.15
C ALA D 171 39.54 13.58 -10.41
N VAL D 172 38.74 14.00 -11.42
CA VAL D 172 39.27 14.51 -12.69
C VAL D 172 38.86 15.97 -12.97
N ALA D 173 39.75 16.70 -13.65
CA ALA D 173 39.57 18.09 -14.07
C ALA D 173 40.11 18.31 -15.49
N TRP D 174 39.47 19.26 -16.24
CA TRP D 174 39.85 19.65 -17.60
C TRP D 174 39.20 20.94 -18.01
N SER D 175 39.90 21.68 -18.87
CA SER D 175 39.41 22.93 -19.43
C SER D 175 39.74 22.99 -20.92
N ASN D 176 38.88 23.67 -21.71
CA ASN D 176 39.09 23.91 -23.15
C ASN D 176 40.19 24.98 -23.28
N LYS D 177 40.23 25.94 -22.31
CA LYS D 177 41.14 27.07 -22.14
C LYS D 177 42.64 26.71 -22.14
N SER D 178 43.46 27.43 -22.95
CA SER D 178 44.91 27.23 -23.01
C SER D 178 45.57 27.79 -21.71
N ASP D 179 44.84 28.69 -21.00
CA ASP D 179 45.19 29.27 -19.71
C ASP D 179 44.77 28.20 -18.65
N PHE D 180 45.35 26.99 -18.78
CA PHE D 180 45.02 25.90 -17.86
C PHE D 180 46.22 25.07 -17.45
N ALA D 181 46.41 24.97 -16.12
CA ALA D 181 47.47 24.20 -15.47
C ALA D 181 46.87 23.45 -14.31
N CYS D 182 47.41 22.25 -14.05
CA CYS D 182 46.97 21.39 -12.94
C CYS D 182 47.18 22.03 -11.56
N ALA D 183 48.24 22.87 -11.42
CA ALA D 183 48.58 23.61 -10.21
C ALA D 183 47.51 24.63 -9.79
N ASN D 184 46.70 25.11 -10.75
CA ASN D 184 45.62 26.07 -10.50
C ASN D 184 44.21 25.48 -10.81
N ALA D 185 44.12 24.13 -10.97
CA ALA D 185 42.87 23.43 -11.26
C ALA D 185 42.08 23.16 -9.98
N PHE D 186 42.69 22.44 -9.04
CA PHE D 186 42.06 22.09 -7.76
C PHE D 186 42.30 23.16 -6.69
N ASN D 187 42.11 24.45 -7.06
CA ASN D 187 42.28 25.58 -6.15
C ASN D 187 41.02 25.91 -5.34
N ASN D 188 39.83 25.67 -5.93
CA ASN D 188 38.52 25.87 -5.27
C ASN D 188 38.31 24.80 -4.18
N SER D 189 39.02 23.66 -4.33
CA SER D 189 39.00 22.51 -3.42
C SER D 189 40.02 22.68 -2.29
N ILE D 190 39.68 22.19 -1.10
CA ILE D 190 40.56 22.25 0.06
C ILE D 190 41.43 20.98 0.03
N ILE D 191 42.60 21.08 -0.60
CA ILE D 191 43.56 19.99 -0.78
C ILE D 191 44.78 20.13 0.18
N PRO D 192 45.44 19.03 0.64
CA PRO D 192 46.57 19.19 1.57
C PRO D 192 47.83 19.76 0.91
N GLU D 193 48.75 20.36 1.70
CA GLU D 193 50.01 20.90 1.15
C GLU D 193 51.10 19.80 1.05
N ASP D 194 50.72 18.53 1.35
CA ASP D 194 51.60 17.37 1.20
C ASP D 194 51.31 16.67 -0.15
N THR D 195 50.47 17.33 -0.99
CA THR D 195 50.08 16.92 -2.34
C THR D 195 51.27 17.08 -3.30
N PHE D 196 51.71 15.95 -3.89
CA PHE D 196 52.78 15.89 -4.87
C PHE D 196 52.34 16.57 -6.19
N PHE D 197 53.04 17.62 -6.60
CA PHE D 197 52.76 18.35 -7.85
C PHE D 197 53.94 18.22 -8.86
N PRO D 198 54.14 17.03 -9.49
CA PRO D 198 55.28 16.84 -10.41
C PRO D 198 55.48 17.85 -11.56
N SER D 199 56.72 17.84 -12.11
CA SER D 199 57.21 18.66 -13.22
C SER D 199 57.01 17.96 -14.59
N GLY E 3 11.35 -9.85 -13.30
CA GLY E 3 10.03 -10.29 -13.73
C GLY E 3 9.21 -9.23 -14.45
N VAL E 4 9.32 -7.93 -14.07
CA VAL E 4 8.56 -6.83 -14.71
C VAL E 4 9.36 -6.28 -15.90
N SER E 5 8.70 -6.12 -17.04
CA SER E 5 9.42 -5.58 -18.20
C SER E 5 8.85 -4.23 -18.58
N GLN E 6 9.67 -3.38 -19.18
CA GLN E 6 9.24 -2.06 -19.66
C GLN E 6 9.87 -1.81 -21.00
N ASN E 7 9.13 -1.16 -21.89
CA ASN E 7 9.62 -0.80 -23.23
C ASN E 7 8.98 0.52 -23.69
N PRO E 8 9.75 1.48 -24.23
CA PRO E 8 11.21 1.44 -24.46
C PRO E 8 12.00 1.70 -23.17
N ARG E 9 13.24 1.21 -23.09
CA ARG E 9 14.06 1.50 -21.91
C ARG E 9 14.49 2.99 -21.88
N HIS E 10 14.78 3.59 -23.05
CA HIS E 10 15.18 5.01 -23.17
C HIS E 10 14.33 5.63 -24.28
N LYS E 11 13.88 6.88 -24.10
CA LYS E 11 13.09 7.53 -25.15
C LYS E 11 13.37 9.02 -25.25
N ILE E 12 13.65 9.47 -26.47
CA ILE E 12 13.84 10.89 -26.72
C ILE E 12 12.68 11.42 -27.62
N THR E 13 11.96 12.46 -27.15
N THR E 13 11.97 12.45 -27.14
CA THR E 13 10.86 13.09 -27.87
CA THR E 13 10.84 13.07 -27.84
C THR E 13 10.99 14.61 -27.92
C THR E 13 10.99 14.60 -27.91
N LYS E 14 10.48 15.21 -29.00
CA LYS E 14 10.51 16.67 -29.22
C LYS E 14 9.29 17.30 -28.52
N ARG E 15 9.50 18.36 -27.71
CA ARG E 15 8.42 19.07 -27.00
C ARG E 15 7.19 19.31 -27.88
N GLY E 16 6.06 18.71 -27.49
CA GLY E 16 4.79 18.76 -28.21
C GLY E 16 4.39 17.45 -28.84
N GLN E 17 5.25 16.41 -28.75
CA GLN E 17 4.91 15.10 -29.31
C GLN E 17 4.16 14.23 -28.29
N ASN E 18 3.80 13.01 -28.72
CA ASN E 18 3.09 12.03 -27.90
C ASN E 18 3.96 10.80 -27.71
N VAL E 19 3.94 10.25 -26.48
CA VAL E 19 4.70 9.03 -26.13
C VAL E 19 3.84 7.99 -25.48
N THR E 20 4.17 6.72 -25.72
CA THR E 20 3.51 5.58 -25.12
C THR E 20 4.55 4.60 -24.63
N PHE E 21 4.52 4.30 -23.34
CA PHE E 21 5.43 3.30 -22.78
C PHE E 21 4.59 2.09 -22.39
N ARG E 22 5.15 0.88 -22.52
CA ARG E 22 4.45 -0.36 -22.17
C ARG E 22 5.10 -1.00 -20.95
N CYS E 23 4.26 -1.69 -20.16
CA CYS E 23 4.68 -2.41 -18.98
C CYS E 23 4.11 -3.82 -19.03
N ASP E 24 4.96 -4.81 -18.86
CA ASP E 24 4.56 -6.19 -18.81
C ASP E 24 4.81 -6.67 -17.41
N PRO E 25 3.76 -6.72 -16.56
CA PRO E 25 3.98 -7.05 -15.14
C PRO E 25 4.20 -8.54 -14.89
N ILE E 26 4.35 -8.92 -13.59
CA ILE E 26 4.44 -10.32 -13.21
C ILE E 26 3.03 -10.93 -13.31
N SER E 27 2.96 -12.10 -13.96
CA SER E 27 1.77 -12.88 -14.35
C SER E 27 0.61 -12.97 -13.32
N GLU E 28 0.89 -13.38 -12.07
CA GLU E 28 -0.19 -13.56 -11.08
C GLU E 28 -0.46 -12.29 -10.23
N HIS E 29 0.14 -11.14 -10.61
CA HIS E 29 0.05 -9.85 -9.92
C HIS E 29 -1.13 -9.02 -10.37
N ASN E 30 -2.15 -8.91 -9.50
CA ASN E 30 -3.37 -8.16 -9.77
C ASN E 30 -3.21 -6.68 -9.64
N ARG E 31 -2.21 -6.22 -8.86
CA ARG E 31 -2.01 -4.78 -8.65
C ARG E 31 -0.81 -4.28 -9.44
N LEU E 32 -1.02 -3.15 -10.14
CA LEU E 32 -0.05 -2.48 -11.03
C LEU E 32 -0.05 -1.00 -10.74
N TYR E 33 1.13 -0.42 -10.68
CA TYR E 33 1.43 0.98 -10.38
C TYR E 33 2.33 1.57 -11.40
N TRP E 34 2.22 2.91 -11.57
CA TRP E 34 3.06 3.78 -12.38
C TRP E 34 3.58 4.84 -11.43
N TYR E 35 4.88 5.07 -11.53
CA TYR E 35 5.70 5.99 -10.75
C TYR E 35 6.58 6.86 -11.68
N ARG E 36 6.99 8.01 -11.16
CA ARG E 36 7.78 8.99 -11.88
C ARG E 36 8.97 9.30 -11.03
N GLN E 37 10.18 9.31 -11.61
CA GLN E 37 11.37 9.64 -10.81
C GLN E 37 12.36 10.58 -11.51
N THR E 38 12.86 11.58 -10.76
CA THR E 38 13.90 12.52 -11.21
C THR E 38 15.13 12.34 -10.29
N LEU E 39 16.35 12.73 -10.76
CA LEU E 39 17.57 12.58 -9.93
C LEU E 39 17.46 13.28 -8.55
N GLY E 40 17.94 12.62 -7.51
CA GLY E 40 17.90 13.08 -6.12
C GLY E 40 16.50 13.13 -5.50
N GLN E 41 15.54 12.38 -6.10
CA GLN E 41 14.15 12.27 -5.61
C GLN E 41 13.76 10.79 -5.55
N GLY E 42 12.63 10.48 -4.90
CA GLY E 42 12.09 9.14 -4.79
C GLY E 42 10.97 8.90 -5.80
N PRO E 43 10.56 7.64 -6.09
CA PRO E 43 9.41 7.47 -7.03
C PRO E 43 8.12 8.19 -6.56
N GLU E 44 7.56 9.03 -7.44
CA GLU E 44 6.36 9.80 -7.24
C GLU E 44 5.15 9.01 -7.83
N PHE E 45 4.11 8.76 -7.02
CA PHE E 45 2.96 7.95 -7.42
C PHE E 45 2.13 8.59 -8.55
N LEU E 46 1.87 7.86 -9.64
CA LEU E 46 1.08 8.40 -10.75
C LEU E 46 -0.34 7.80 -10.81
N THR E 47 -0.44 6.45 -10.88
CA THR E 47 -1.71 5.73 -11.02
C THR E 47 -1.61 4.27 -10.54
N TYR E 48 -2.76 3.64 -10.29
CA TYR E 48 -2.86 2.28 -9.76
C TYR E 48 -4.02 1.55 -10.35
N PHE E 49 -3.77 0.32 -10.79
CA PHE E 49 -4.77 -0.58 -11.36
C PHE E 49 -4.91 -1.80 -10.48
N GLN E 50 -6.14 -2.24 -10.28
CA GLN E 50 -6.46 -3.50 -9.66
C GLN E 50 -7.19 -4.15 -10.78
N ASN E 51 -6.55 -5.16 -11.38
CA ASN E 51 -7.00 -5.81 -12.63
C ASN E 51 -7.06 -4.74 -13.74
N GLU E 52 -8.15 -4.66 -14.54
CA GLU E 52 -8.28 -3.65 -15.62
C GLU E 52 -8.66 -2.28 -15.09
N ALA E 53 -9.20 -2.22 -13.84
CA ALA E 53 -9.68 -0.99 -13.22
C ALA E 53 -8.57 -0.07 -12.71
N GLN E 54 -8.60 1.21 -13.13
CA GLN E 54 -7.71 2.27 -12.63
C GLN E 54 -8.44 2.86 -11.44
N LEU E 55 -8.03 2.48 -10.22
CA LEU E 55 -8.67 2.84 -8.95
C LEU E 55 -8.30 4.20 -8.36
N GLU E 56 -7.05 4.56 -8.44
CA GLU E 56 -6.45 5.78 -7.89
C GLU E 56 -5.53 6.39 -8.95
N LYS E 57 -5.54 7.70 -9.00
CA LYS E 57 -4.74 8.51 -9.92
C LYS E 57 -4.31 9.71 -9.12
N SER E 58 -3.03 10.11 -9.22
N SER E 58 -3.03 10.11 -9.22
CA SER E 58 -2.46 11.27 -8.51
CA SER E 58 -2.46 11.27 -8.51
C SER E 58 -3.23 12.56 -8.83
C SER E 58 -3.23 12.56 -8.83
N ARG E 59 -3.64 13.29 -7.76
CA ARG E 59 -4.38 14.58 -7.85
C ARG E 59 -3.52 15.62 -8.57
N LEU E 60 -2.22 15.65 -8.28
CA LEU E 60 -1.26 16.55 -8.91
C LEU E 60 -1.00 16.22 -10.41
N LEU E 61 -1.43 15.03 -10.90
CA LEU E 61 -1.17 14.57 -12.28
C LEU E 61 -2.09 15.21 -13.34
N SER E 62 -1.45 15.70 -14.43
CA SER E 62 -2.08 16.40 -15.55
C SER E 62 -2.97 15.53 -16.44
N ASP E 63 -3.90 16.19 -17.17
CA ASP E 63 -4.82 15.60 -18.13
C ASP E 63 -4.09 15.04 -19.35
N ARG E 64 -2.79 15.43 -19.51
CA ARG E 64 -1.95 14.95 -20.62
C ARG E 64 -1.49 13.52 -20.39
N PHE E 65 -1.46 13.09 -19.11
CA PHE E 65 -1.10 11.73 -18.70
C PHE E 65 -2.34 10.85 -18.56
N SER E 66 -2.36 9.76 -19.31
CA SER E 66 -3.44 8.82 -19.21
C SER E 66 -2.91 7.39 -19.29
N ALA E 67 -3.25 6.56 -18.31
CA ALA E 67 -2.85 5.16 -18.31
C ALA E 67 -4.03 4.19 -18.55
N GLU E 68 -3.73 3.07 -19.18
N GLU E 68 -3.75 3.09 -19.22
CA GLU E 68 -4.66 2.02 -19.59
CA GLU E 68 -4.71 2.04 -19.59
C GLU E 68 -4.02 0.66 -19.21
C GLU E 68 -4.05 0.66 -19.32
N ARG E 69 -4.85 -0.37 -18.99
CA ARG E 69 -4.45 -1.76 -18.70
C ARG E 69 -5.70 -2.52 -19.17
N PRO E 70 -5.80 -2.82 -20.50
CA PRO E 70 -7.08 -3.33 -21.08
C PRO E 70 -7.60 -4.67 -20.58
N LYS E 71 -6.76 -5.71 -20.66
CA LYS E 71 -7.07 -7.07 -20.26
C LYS E 71 -6.60 -7.39 -18.84
N GLY E 72 -6.28 -6.36 -18.04
CA GLY E 72 -5.77 -6.53 -16.69
C GLY E 72 -4.39 -7.18 -16.66
N SER E 73 -3.64 -7.09 -17.78
CA SER E 73 -2.31 -7.68 -17.89
C SER E 73 -1.34 -6.53 -18.14
N PHE E 74 -0.73 -6.43 -19.35
CA PHE E 74 0.15 -5.33 -19.75
C PHE E 74 -0.55 -3.98 -19.52
N SER E 75 0.27 -2.91 -19.33
CA SER E 75 -0.28 -1.56 -19.16
C SER E 75 0.45 -0.59 -20.02
N THR E 76 -0.24 0.45 -20.45
CA THR E 76 0.41 1.51 -21.20
C THR E 76 0.17 2.81 -20.52
N LEU E 77 1.21 3.66 -20.52
CA LEU E 77 1.14 5.01 -20.02
C LEU E 77 1.49 5.85 -21.21
N GLU E 78 0.74 6.94 -21.37
CA GLU E 78 0.90 7.85 -22.49
C GLU E 78 0.88 9.30 -22.05
N ILE E 79 1.87 10.04 -22.55
CA ILE E 79 2.01 11.47 -22.34
C ILE E 79 1.74 12.09 -23.69
N GLN E 80 0.77 13.01 -23.72
CA GLN E 80 0.32 13.75 -24.88
C GLN E 80 0.86 15.18 -24.79
N ARG E 81 1.27 15.78 -25.95
CA ARG E 81 1.82 17.16 -26.05
C ARG E 81 2.82 17.40 -24.93
N THR E 82 3.97 16.69 -25.02
CA THR E 82 5.05 16.67 -24.04
C THR E 82 5.67 18.00 -23.74
N GLU E 83 5.83 18.30 -22.44
CA GLU E 83 6.50 19.47 -21.86
C GLU E 83 7.89 19.00 -21.41
N GLN E 84 8.83 19.94 -21.23
CA GLN E 84 10.19 19.62 -20.79
C GLN E 84 10.25 19.14 -19.32
N GLY E 85 9.18 19.40 -18.57
CA GLY E 85 9.04 18.95 -17.20
C GLY E 85 8.65 17.48 -17.07
N ASP E 86 8.28 16.86 -18.21
CA ASP E 86 7.89 15.46 -18.29
C ASP E 86 9.11 14.53 -18.31
N SER E 87 10.32 15.10 -18.45
CA SER E 87 11.60 14.39 -18.50
C SER E 87 11.86 13.74 -17.14
N ALA E 88 11.90 12.41 -17.14
CA ALA E 88 12.05 11.61 -15.92
C ALA E 88 12.10 10.13 -16.28
N MET E 89 12.35 9.31 -15.25
N MET E 89 12.29 9.29 -15.24
CA MET E 89 12.25 7.88 -15.43
CA MET E 89 12.32 7.83 -15.24
C MET E 89 10.83 7.46 -15.02
C MET E 89 10.87 7.36 -14.93
N TYR E 90 10.21 6.70 -15.90
CA TYR E 90 8.84 6.19 -15.73
C TYR E 90 8.97 4.75 -15.33
N LEU E 91 8.65 4.51 -14.06
CA LEU E 91 8.75 3.18 -13.46
C LEU E 91 7.40 2.60 -13.35
N CYS E 92 7.29 1.34 -13.74
CA CYS E 92 6.10 0.53 -13.56
C CYS E 92 6.45 -0.48 -12.49
N ALA E 93 5.49 -0.79 -11.61
CA ALA E 93 5.65 -1.80 -10.53
C ALA E 93 4.43 -2.72 -10.46
N SER E 94 4.63 -4.02 -10.29
CA SER E 94 3.51 -4.94 -10.09
C SER E 94 3.54 -5.48 -8.67
N SER E 95 2.40 -5.95 -8.14
CA SER E 95 2.32 -6.49 -6.78
C SER E 95 1.19 -7.52 -6.61
N PRO E 96 1.37 -8.60 -5.82
CA PRO E 96 0.23 -9.50 -5.56
C PRO E 96 -0.64 -8.97 -4.42
N ASP E 97 -0.05 -8.21 -3.47
CA ASP E 97 -0.74 -7.65 -2.33
C ASP E 97 -0.34 -6.19 -2.11
N ILE E 98 0.87 -5.91 -1.53
CA ILE E 98 1.37 -4.55 -1.29
C ILE E 98 2.84 -4.38 -1.72
N GLU E 99 3.71 -5.36 -1.47
CA GLU E 99 5.15 -5.34 -1.81
C GLU E 99 5.28 -5.21 -3.32
N GLN E 100 6.12 -4.26 -3.77
CA GLN E 100 6.28 -3.88 -5.17
C GLN E 100 7.55 -4.40 -5.85
N TYR E 101 7.38 -4.87 -7.08
CA TYR E 101 8.43 -5.39 -7.94
C TYR E 101 8.51 -4.45 -9.12
N PHE E 102 9.56 -3.60 -9.11
CA PHE E 102 9.77 -2.60 -10.13
C PHE E 102 10.35 -3.15 -11.45
N GLY E 103 10.04 -2.46 -12.53
CA GLY E 103 10.52 -2.76 -13.86
C GLY E 103 11.81 -1.99 -14.08
N PRO E 104 12.46 -2.18 -15.26
CA PRO E 104 13.74 -1.51 -15.51
C PRO E 104 13.63 -0.03 -15.91
N GLY E 105 12.42 0.53 -15.88
CA GLY E 105 12.12 1.93 -16.18
C GLY E 105 12.18 2.33 -17.65
N THR E 106 11.64 3.52 -17.92
CA THR E 106 11.68 4.18 -19.23
C THR E 106 12.24 5.57 -18.95
N ARG E 107 13.46 5.82 -19.46
CA ARG E 107 14.07 7.13 -19.25
C ARG E 107 13.62 8.04 -20.38
N LEU E 108 12.75 9.00 -20.05
CA LEU E 108 12.24 9.92 -21.06
C LEU E 108 12.93 11.27 -21.00
N THR E 109 13.45 11.72 -22.17
CA THR E 109 14.03 13.05 -22.36
C THR E 109 13.17 13.84 -23.36
N VAL E 110 12.68 15.02 -22.92
CA VAL E 110 11.89 15.92 -23.74
C VAL E 110 12.79 17.08 -24.17
N THR E 111 13.03 17.19 -25.49
CA THR E 111 13.91 18.21 -26.03
C THR E 111 13.20 19.28 -26.82
N GLU E 112 13.69 20.55 -26.72
CA GLU E 112 13.20 21.75 -27.45
C GLU E 112 13.20 21.46 -28.95
N ASP E 113 14.29 20.84 -29.44
CA ASP E 113 14.50 20.50 -30.85
C ASP E 113 15.40 19.24 -30.94
N LEU E 114 15.09 18.31 -31.89
CA LEU E 114 15.91 17.11 -32.12
C LEU E 114 17.35 17.47 -32.61
N LYS E 115 17.59 18.78 -32.92
CA LYS E 115 18.90 19.28 -33.32
C LYS E 115 19.80 19.36 -32.06
N ASN E 116 19.19 19.38 -30.86
CA ASN E 116 19.90 19.42 -29.57
C ASN E 116 20.55 18.08 -29.19
N VAL E 117 20.16 16.96 -29.84
CA VAL E 117 20.61 15.57 -29.61
C VAL E 117 21.97 15.36 -30.28
N PHE E 118 23.01 15.03 -29.50
CA PHE E 118 24.37 14.77 -30.01
C PHE E 118 24.98 13.52 -29.41
N PRO E 119 25.74 12.69 -30.18
CA PRO E 119 26.40 11.53 -29.56
C PRO E 119 27.71 11.94 -28.87
N PRO E 120 28.33 11.09 -28.01
CA PRO E 120 29.58 11.53 -27.39
C PRO E 120 30.84 11.36 -28.23
N GLU E 121 31.78 12.25 -27.97
CA GLU E 121 33.14 12.17 -28.46
C GLU E 121 33.87 11.54 -27.27
N VAL E 122 34.58 10.42 -27.54
CA VAL E 122 35.30 9.61 -26.55
C VAL E 122 36.81 9.74 -26.72
N ALA E 123 37.51 10.07 -25.63
CA ALA E 123 38.98 10.19 -25.63
C ALA E 123 39.58 9.44 -24.43
N VAL E 124 40.72 8.77 -24.67
N VAL E 124 40.72 8.77 -24.66
CA VAL E 124 41.48 8.04 -23.64
CA VAL E 124 41.45 8.05 -23.60
C VAL E 124 42.82 8.74 -23.42
C VAL E 124 42.81 8.72 -23.41
N PHE E 125 43.07 9.19 -22.17
CA PHE E 125 44.27 9.89 -21.77
C PHE E 125 45.18 8.90 -21.07
N GLU E 126 46.38 8.74 -21.62
CA GLU E 126 47.37 7.79 -21.18
C GLU E 126 48.00 8.18 -19.85
N PRO E 127 48.38 7.22 -18.99
CA PRO E 127 49.01 7.58 -17.70
C PRO E 127 50.30 8.41 -17.77
N SER E 128 50.53 9.23 -16.72
CA SER E 128 51.68 10.11 -16.48
C SER E 128 52.91 9.29 -15.99
N GLU E 129 54.13 9.64 -16.50
CA GLU E 129 55.40 8.98 -16.10
C GLU E 129 55.64 9.18 -14.60
N ALA E 130 55.34 10.41 -14.10
CA ALA E 130 55.41 10.81 -12.70
C ALA E 130 54.58 9.85 -11.83
N GLU E 131 53.37 9.47 -12.28
CA GLU E 131 52.52 8.52 -11.57
C GLU E 131 53.20 7.11 -11.51
N ILE E 132 53.74 6.64 -12.66
CA ILE E 132 54.43 5.37 -12.79
C ILE E 132 55.64 5.32 -11.84
N SER E 133 56.51 6.36 -11.88
CA SER E 133 57.72 6.48 -11.04
C SER E 133 57.42 6.48 -9.55
N HIS E 134 56.42 7.28 -9.14
CA HIS E 134 56.03 7.46 -7.76
C HIS E 134 55.33 6.27 -7.14
N THR E 135 54.37 5.68 -7.83
CA THR E 135 53.52 4.65 -7.25
C THR E 135 53.57 3.26 -7.86
N GLN E 136 54.25 3.06 -9.02
N GLN E 136 54.25 3.11 -9.02
CA GLN E 136 54.29 1.76 -9.73
CA GLN E 136 54.32 1.87 -9.81
C GLN E 136 52.86 1.34 -10.22
C GLN E 136 52.89 1.37 -10.22
N LYS E 137 52.01 2.35 -10.51
CA LYS E 137 50.61 2.19 -10.94
C LYS E 137 50.31 3.17 -12.09
N ALA E 138 49.49 2.76 -13.04
CA ALA E 138 49.15 3.60 -14.20
C ALA E 138 47.64 3.78 -14.31
N THR E 139 47.18 5.03 -14.36
CA THR E 139 45.76 5.31 -14.50
C THR E 139 45.46 5.84 -15.86
N LEU E 140 44.53 5.18 -16.55
CA LEU E 140 44.00 5.62 -17.84
C LEU E 140 42.70 6.28 -17.48
N VAL E 141 42.53 7.52 -17.93
CA VAL E 141 41.29 8.25 -17.75
C VAL E 141 40.56 8.27 -19.09
N CYS E 142 39.26 7.97 -19.07
CA CYS E 142 38.41 8.07 -20.24
C CYS E 142 37.45 9.23 -20.12
N LEU E 143 37.32 10.04 -21.18
N LEU E 143 37.33 10.04 -21.18
CA LEU E 143 36.44 11.21 -21.19
CA LEU E 143 36.43 11.19 -21.22
C LEU E 143 35.45 11.19 -22.36
C LEU E 143 35.43 11.04 -22.36
N ALA E 144 34.15 11.21 -22.04
CA ALA E 144 33.03 11.21 -23.00
C ALA E 144 32.46 12.62 -22.87
N THR E 145 32.44 13.38 -23.97
CA THR E 145 32.01 14.78 -23.95
C THR E 145 31.05 15.13 -25.10
N GLY E 146 30.26 16.18 -24.89
CA GLY E 146 29.33 16.76 -25.84
C GLY E 146 28.10 15.97 -26.18
N PHE E 147 27.74 14.99 -25.36
CA PHE E 147 26.57 14.18 -25.64
C PHE E 147 25.30 14.73 -25.02
N TYR E 148 24.17 14.54 -25.73
CA TYR E 148 22.83 14.91 -25.30
C TYR E 148 21.88 13.91 -25.95
N PRO E 149 21.00 13.21 -25.19
CA PRO E 149 20.74 13.33 -23.74
C PRO E 149 21.80 12.66 -22.87
N ASP E 150 21.65 12.74 -21.55
CA ASP E 150 22.62 12.13 -20.65
C ASP E 150 22.46 10.59 -20.46
N HIS E 151 21.89 9.88 -21.43
N HIS E 151 21.92 9.92 -21.52
CA HIS E 151 21.71 8.45 -21.21
CA HIS E 151 21.69 8.47 -21.64
C HIS E 151 22.81 7.66 -21.92
C HIS E 151 23.00 7.80 -22.08
N VAL E 152 23.91 7.45 -21.16
CA VAL E 152 25.17 6.76 -21.56
C VAL E 152 25.47 5.54 -20.69
N GLU E 153 26.36 4.66 -21.18
CA GLU E 153 26.85 3.48 -20.48
C GLU E 153 28.31 3.28 -20.82
N LEU E 154 29.20 3.46 -19.83
CA LEU E 154 30.64 3.32 -19.99
C LEU E 154 31.14 1.99 -19.46
N SER E 155 31.92 1.30 -20.28
CA SER E 155 32.58 0.04 -19.95
C SER E 155 34.03 0.07 -20.48
N TRP E 156 34.94 -0.63 -19.77
CA TRP E 156 36.35 -0.78 -20.14
C TRP E 156 36.59 -2.21 -20.59
N TRP E 157 37.32 -2.35 -21.70
CA TRP E 157 37.63 -3.60 -22.38
C TRP E 157 39.14 -3.75 -22.54
N VAL E 158 39.73 -4.71 -21.83
CA VAL E 158 41.16 -4.96 -21.89
C VAL E 158 41.38 -6.29 -22.61
N ASN E 159 42.16 -6.26 -23.72
CA ASN E 159 42.45 -7.42 -24.58
C ASN E 159 41.18 -8.20 -24.97
N GLY E 160 40.10 -7.46 -25.26
CA GLY E 160 38.80 -8.00 -25.63
C GLY E 160 37.91 -8.47 -24.49
N LYS E 161 38.36 -8.33 -23.24
CA LYS E 161 37.60 -8.74 -22.06
C LYS E 161 37.14 -7.53 -21.25
N GLU E 162 35.83 -7.48 -20.92
CA GLU E 162 35.25 -6.40 -20.09
C GLU E 162 35.81 -6.48 -18.66
N VAL E 163 36.25 -5.34 -18.12
CA VAL E 163 36.87 -5.29 -16.80
C VAL E 163 36.08 -4.45 -15.79
N HIS E 164 36.19 -4.84 -14.50
CA HIS E 164 35.56 -4.11 -13.40
C HIS E 164 36.56 -3.76 -12.33
N SER E 165 37.67 -4.50 -12.26
CA SER E 165 38.74 -4.25 -11.27
C SER E 165 39.54 -3.04 -11.66
N GLY E 166 39.73 -2.13 -10.71
CA GLY E 166 40.46 -0.90 -10.94
C GLY E 166 39.69 0.12 -11.77
N VAL E 167 38.39 -0.12 -12.00
CA VAL E 167 37.52 0.77 -12.75
C VAL E 167 36.60 1.59 -11.83
N CYS E 168 36.53 2.90 -12.04
CA CYS E 168 35.59 3.74 -11.33
C CYS E 168 35.06 4.80 -12.27
N THR E 169 33.72 4.86 -12.37
CA THR E 169 33.03 5.80 -13.26
C THR E 169 32.10 6.70 -12.47
N ASP E 170 32.10 7.99 -12.80
CA ASP E 170 31.24 9.00 -12.17
C ASP E 170 29.79 8.54 -12.04
N PRO E 171 29.13 8.77 -10.87
CA PRO E 171 27.73 8.33 -10.73
C PRO E 171 26.85 8.92 -11.82
N GLN E 172 26.98 10.25 -12.04
CA GLN E 172 26.22 10.99 -13.06
C GLN E 172 27.11 11.88 -13.94
N PRO E 173 26.79 12.03 -15.26
CA PRO E 173 27.54 12.99 -16.09
C PRO E 173 27.30 14.44 -15.62
N LEU E 174 28.26 15.34 -15.88
CA LEU E 174 28.13 16.76 -15.51
C LEU E 174 27.57 17.56 -16.69
N LYS E 175 27.14 18.81 -16.46
CA LYS E 175 26.62 19.68 -17.51
C LYS E 175 27.69 20.64 -18.02
N GLU E 176 27.95 20.60 -19.33
CA GLU E 176 28.96 21.44 -19.99
C GLU E 176 28.66 22.96 -19.95
N GLN E 177 27.47 23.33 -19.47
CA GLN E 177 26.92 24.69 -19.24
C GLN E 177 25.73 24.54 -18.29
N PRO E 178 26.02 24.48 -16.95
CA PRO E 178 24.97 24.20 -15.95
C PRO E 178 23.64 24.91 -16.11
N ALA E 179 23.68 26.24 -16.35
CA ALA E 179 22.47 27.04 -16.52
C ALA E 179 22.17 27.16 -18.02
N LEU E 180 21.57 26.11 -18.58
CA LEU E 180 21.19 26.05 -19.99
C LEU E 180 20.15 24.99 -20.31
N ASN E 181 19.17 25.37 -21.13
CA ASN E 181 18.10 24.53 -21.63
C ASN E 181 18.75 23.58 -22.64
N ASP E 182 18.76 22.28 -22.30
CA ASP E 182 19.33 21.19 -23.11
C ASP E 182 20.86 21.32 -23.30
N SER E 183 21.58 21.53 -22.18
CA SER E 183 23.04 21.61 -22.08
C SER E 183 23.62 20.25 -22.40
N ARG E 184 24.75 20.21 -23.13
CA ARG E 184 25.39 18.93 -23.46
C ARG E 184 26.12 18.39 -22.23
N TYR E 185 26.39 17.09 -22.18
CA TYR E 185 26.97 16.45 -21.01
C TYR E 185 28.35 15.88 -21.21
N ALA E 186 29.06 15.68 -20.09
CA ALA E 186 30.38 15.06 -20.07
C ALA E 186 30.44 14.04 -18.93
N LEU E 187 31.18 12.94 -19.15
CA LEU E 187 31.37 11.86 -18.19
C LEU E 187 32.83 11.39 -18.24
N SER E 188 33.41 11.05 -17.08
N SER E 188 33.40 11.04 -17.08
CA SER E 188 34.78 10.54 -16.96
CA SER E 188 34.77 10.53 -16.96
C SER E 188 34.83 9.19 -16.24
C SER E 188 34.82 9.18 -16.26
N SER E 189 35.83 8.38 -16.61
CA SER E 189 36.06 7.07 -16.00
C SER E 189 37.54 6.87 -15.87
N ARG E 190 37.96 5.95 -14.98
CA ARG E 190 39.36 5.64 -14.68
C ARG E 190 39.49 4.15 -14.69
N LEU E 191 40.59 3.66 -15.25
CA LEU E 191 40.97 2.26 -15.22
C LEU E 191 42.41 2.29 -14.69
N ARG E 192 42.65 1.55 -13.60
CA ARG E 192 43.97 1.50 -12.98
C ARG E 192 44.57 0.15 -13.07
N VAL E 193 45.76 0.14 -13.68
CA VAL E 193 46.56 -1.06 -13.84
C VAL E 193 47.92 -0.84 -13.15
N SER E 194 48.72 -1.90 -13.04
CA SER E 194 50.08 -1.83 -12.50
C SER E 194 50.95 -1.24 -13.59
N ALA E 195 52.11 -0.66 -13.23
CA ALA E 195 53.08 -0.11 -14.17
C ALA E 195 53.52 -1.21 -15.16
N THR E 196 53.83 -2.43 -14.66
N THR E 196 53.84 -2.42 -14.66
CA THR E 196 54.26 -3.60 -15.44
CA THR E 196 54.26 -3.60 -15.43
C THR E 196 53.20 -4.07 -16.46
C THR E 196 53.20 -4.00 -16.48
N PHE E 197 51.90 -3.81 -16.18
CA PHE E 197 50.80 -4.15 -17.08
C PHE E 197 50.72 -3.11 -18.19
N TRP E 198 50.82 -1.81 -17.82
CA TRP E 198 50.76 -0.72 -18.79
C TRP E 198 52.01 -0.68 -19.68
N GLN E 199 53.14 -1.13 -19.12
CA GLN E 199 54.43 -1.04 -19.84
C GLN E 199 54.54 -2.12 -20.92
N ASN E 200 53.59 -3.04 -20.97
CA ASN E 200 53.52 -4.12 -21.98
C ASN E 200 52.77 -3.57 -23.19
N PRO E 201 53.34 -3.53 -24.40
CA PRO E 201 52.67 -2.94 -25.56
C PRO E 201 51.70 -3.91 -26.24
N ARG E 202 51.75 -5.18 -25.85
CA ARG E 202 50.82 -6.19 -26.39
C ARG E 202 49.46 -6.07 -25.69
N ASN E 203 49.34 -5.10 -24.74
CA ASN E 203 48.13 -4.84 -23.97
C ASN E 203 47.24 -3.74 -24.57
N HIS E 204 46.05 -4.14 -25.03
CA HIS E 204 45.04 -3.27 -25.63
C HIS E 204 43.98 -2.82 -24.60
N PHE E 205 43.70 -1.51 -24.60
CA PHE E 205 42.76 -0.90 -23.67
C PHE E 205 41.71 -0.14 -24.48
N ARG E 206 40.42 -0.43 -24.20
CA ARG E 206 39.31 0.23 -24.88
C ARG E 206 38.28 0.78 -23.90
N CYS E 207 37.84 2.01 -24.16
CA CYS E 207 36.79 2.66 -23.40
C CYS E 207 35.55 2.67 -24.29
N GLN E 208 34.53 1.90 -23.90
CA GLN E 208 33.31 1.78 -24.68
C GLN E 208 32.18 2.63 -24.08
N VAL E 209 31.56 3.44 -24.91
CA VAL E 209 30.46 4.27 -24.46
C VAL E 209 29.20 3.99 -25.31
N GLN E 210 28.21 3.30 -24.70
CA GLN E 210 26.91 3.02 -25.33
C GLN E 210 26.04 4.26 -25.14
N PHE E 211 25.60 4.88 -26.26
CA PHE E 211 24.75 6.08 -26.26
C PHE E 211 23.35 5.69 -26.71
N TYR E 212 22.34 6.39 -26.18
CA TYR E 212 20.94 6.13 -26.55
C TYR E 212 20.41 7.37 -27.16
N GLY E 213 20.12 7.28 -28.46
CA GLY E 213 19.58 8.39 -29.23
C GLY E 213 18.31 8.04 -29.94
N LEU E 214 18.25 8.44 -31.22
CA LEU E 214 17.12 8.27 -32.12
C LEU E 214 17.10 6.88 -32.77
N SER E 215 15.92 6.48 -33.30
CA SER E 215 15.74 5.18 -33.96
C SER E 215 15.78 5.29 -35.49
N GLU E 216 15.77 4.14 -36.19
CA GLU E 216 15.78 4.03 -37.66
C GLU E 216 14.55 4.72 -38.28
N ASN E 217 13.41 4.68 -37.54
CA ASN E 217 12.14 5.31 -37.94
C ASN E 217 12.04 6.75 -37.41
N ASP E 218 13.16 7.49 -37.42
CA ASP E 218 13.18 8.88 -36.96
C ASP E 218 13.66 9.85 -38.06
N GLU E 219 12.89 10.93 -38.26
CA GLU E 219 13.08 11.97 -39.26
C GLU E 219 14.36 12.77 -39.04
N TRP E 220 15.24 12.78 -40.04
CA TRP E 220 16.49 13.52 -39.97
C TRP E 220 16.70 14.36 -41.22
N THR E 221 17.02 15.64 -40.99
CA THR E 221 17.26 16.66 -42.03
C THR E 221 18.75 16.98 -42.09
N GLN E 222 19.28 17.55 -40.97
CA GLN E 222 20.64 18.05 -40.72
C GLN E 222 21.77 17.32 -41.46
N ASP E 223 22.75 18.11 -41.93
CA ASP E 223 23.93 17.68 -42.70
C ASP E 223 24.74 16.59 -41.97
N ARG E 224 24.94 16.75 -40.63
CA ARG E 224 25.65 15.79 -39.77
C ARG E 224 24.89 14.45 -39.64
N ALA E 225 25.59 13.33 -39.37
CA ALA E 225 24.98 12.00 -39.23
C ALA E 225 23.91 11.97 -38.13
N LYS E 226 22.82 11.19 -38.36
CA LYS E 226 21.72 11.03 -37.40
C LYS E 226 22.25 10.50 -36.07
N PRO E 227 22.04 11.25 -34.98
CA PRO E 227 22.57 10.83 -33.67
C PRO E 227 21.81 9.65 -33.06
N VAL E 228 21.93 8.49 -33.71
CA VAL E 228 21.24 7.27 -33.32
C VAL E 228 21.88 6.63 -32.12
N THR E 229 21.19 5.64 -31.54
CA THR E 229 21.73 4.79 -30.49
C THR E 229 22.95 4.14 -31.15
N GLN E 230 24.13 4.33 -30.55
CA GLN E 230 25.39 3.83 -31.08
C GLN E 230 26.40 3.68 -29.97
N ILE E 231 27.50 2.99 -30.28
CA ILE E 231 28.62 2.80 -29.37
C ILE E 231 29.79 3.65 -29.88
N VAL E 232 30.38 4.47 -28.99
CA VAL E 232 31.58 5.23 -29.31
C VAL E 232 32.75 4.72 -28.40
N SER E 233 33.91 4.37 -29.00
CA SER E 233 35.12 3.91 -28.32
C SER E 233 36.33 4.77 -28.64
N ALA E 234 37.34 4.67 -27.75
CA ALA E 234 38.66 5.25 -27.86
C ALA E 234 39.60 4.21 -27.29
N GLU E 235 40.76 4.06 -27.89
CA GLU E 235 41.74 3.05 -27.47
C GLU E 235 43.14 3.56 -27.19
N ALA E 236 43.94 2.69 -26.57
CA ALA E 236 45.36 2.88 -26.27
C ALA E 236 46.00 1.53 -26.16
N TRP E 237 47.30 1.45 -26.40
CA TRP E 237 48.07 0.23 -26.22
C TRP E 237 49.08 0.60 -25.15
N GLY E 238 49.57 -0.38 -24.39
CA GLY E 238 50.58 -0.11 -23.38
C GLY E 238 51.88 0.43 -23.98
N ARG E 239 52.62 1.27 -23.21
CA ARG E 239 53.90 1.84 -23.71
C ARG E 239 55.08 1.39 -22.85
N ALA E 240 56.15 0.88 -23.49
CA ALA E 240 57.38 0.42 -22.82
C ALA E 240 58.20 1.61 -22.29
N ASP E 241 58.17 2.76 -22.99
CA ASP E 241 58.89 3.99 -22.62
C ASP E 241 57.95 5.18 -22.47
#